data_1JXQ
#
_entry.id   1JXQ
#
_cell.length_a   144.3
_cell.length_b   81.800
_cell.length_c   125.400
_cell.angle_alpha   90.00
_cell.angle_beta   111.70
_cell.angle_gamma   90.00
#
_symmetry.space_group_name_H-M   'C 1 2 1'
#
loop_
_entity.id
_entity.type
_entity.pdbx_description
1 polymer Caspase-9
2 polymer 'benzoxycarbonyl-Val-Ala-Asp-fluoromethyl ketone Inhibitor'
3 water water
#
loop_
_entity_poly.entity_id
_entity_poly.type
_entity_poly.pdbx_seq_one_letter_code
_entity_poly.pdbx_strand_id
1 'polypeptide(L)'
;MGALESLRGNADLAYILSMEPCGHCLIINNVNFCRESGLRTRTGSNIDCEKLRRRFSSLHFMVEVKGDLTAKKMVLALLE
LARQDHGALDCCVVVILSHGCQASHLQFPGAVYGTDGCPVSVEKIVNIFNGTSCPSLGGKPKLFFIQACGGEQKDHGFEV
ASTSPEDESPGSNPEPDATPFQEGLRTFDQLDAISSLPTPSDIFVSYSTFPGFVSWRDPKSGSWYVETLDDIFEQWAHSE
DLQSLLLRVANAVSVKGIYKQMPGCFNFLRKKLFFKTSHHHHHH
;
A,B,C,D
2 'polypeptide(L)' (PHQ)EVD(CF0) E,F
#
loop_
_chem_comp.id
_chem_comp.type
_chem_comp.name
_chem_comp.formula
CF0 non-polymer fluoromethane 'C H3 F'
PHQ non-polymer 'benzyl chlorocarbonate' 'C8 H7 Cl O2'
#
# COMPACT_ATOMS: atom_id res chain seq x y z
N MET A 1 7.48 -9.68 19.72
CA MET A 1 6.74 -10.40 18.63
C MET A 1 5.24 -10.39 18.90
N GLY A 2 4.82 -9.57 19.85
CA GLY A 2 3.40 -9.48 20.18
C GLY A 2 2.62 -8.71 19.14
N ALA A 3 1.42 -8.27 19.51
CA ALA A 3 0.57 -7.51 18.60
C ALA A 3 1.19 -6.16 18.26
N LEU A 4 1.41 -5.33 19.28
CA LEU A 4 1.99 -4.02 19.09
C LEU A 4 3.27 -4.12 18.27
N GLU A 5 4.04 -5.17 18.51
CA GLU A 5 5.30 -5.39 17.79
C GLU A 5 5.04 -5.63 16.31
N SER A 6 4.16 -6.57 16.03
CA SER A 6 3.80 -6.89 14.66
C SER A 6 3.20 -5.67 13.97
N LEU A 7 2.58 -4.81 14.77
CA LEU A 7 1.94 -3.58 14.29
C LEU A 7 3.01 -2.56 13.93
N ARG A 8 3.84 -2.24 14.91
CA ARG A 8 4.91 -1.30 14.69
C ARG A 8 5.71 -1.69 13.47
N GLY A 9 5.85 -2.99 13.24
CA GLY A 9 6.63 -3.49 12.12
C GLY A 9 6.00 -3.51 10.74
N ASN A 10 4.67 -3.47 10.67
CA ASN A 10 3.99 -3.50 9.39
C ASN A 10 4.09 -2.16 8.64
N ALA A 11 4.93 -2.17 7.60
CA ALA A 11 5.16 -0.98 6.79
C ALA A 11 3.90 -0.47 6.15
N ASP A 12 2.87 -1.31 6.08
CA ASP A 12 1.61 -0.90 5.46
C ASP A 12 0.72 -0.21 6.44
N LEU A 13 0.90 -0.50 7.73
CA LEU A 13 0.07 0.10 8.76
C LEU A 13 0.78 1.19 9.53
N ALA A 14 2.11 1.17 9.50
CA ALA A 14 2.89 2.16 10.22
C ALA A 14 4.01 2.79 9.42
N TYR A 15 4.20 4.09 9.59
CA TYR A 15 5.29 4.81 8.92
C TYR A 15 6.56 4.28 9.55
N ILE A 16 7.45 3.73 8.74
CA ILE A 16 8.70 3.18 9.25
C ILE A 16 9.78 4.25 9.49
N LEU A 17 10.16 4.44 10.74
CA LEU A 17 11.19 5.41 11.07
C LEU A 17 12.51 4.69 11.37
N SER A 18 13.36 4.57 10.36
CA SER A 18 14.63 3.88 10.53
C SER A 18 15.89 4.74 10.43
N MET A 19 15.78 5.95 9.91
CA MET A 19 16.96 6.77 9.78
C MET A 19 17.37 7.41 11.09
N GLU A 20 18.63 7.83 11.16
CA GLU A 20 19.17 8.46 12.34
C GLU A 20 20.10 9.61 11.90
N PRO A 21 19.74 10.87 12.22
CA PRO A 21 18.53 11.23 12.95
C PRO A 21 17.25 11.07 12.14
N CYS A 22 16.14 11.30 12.81
CA CYS A 22 14.80 11.16 12.23
C CYS A 22 14.45 12.20 11.16
N GLY A 23 14.80 13.44 11.42
CA GLY A 23 14.50 14.50 10.49
C GLY A 23 14.64 15.81 11.21
N HIS A 24 14.16 16.88 10.57
CA HIS A 24 14.22 18.20 11.14
C HIS A 24 13.01 18.50 12.00
N CYS A 25 13.24 19.35 13.00
CA CYS A 25 12.18 19.81 13.87
C CYS A 25 12.40 21.30 13.98
N LEU A 26 11.39 22.08 13.66
CA LEU A 26 11.53 23.52 13.75
C LEU A 26 10.53 24.07 14.75
N ILE A 27 11.02 24.78 15.76
CA ILE A 27 10.14 25.37 16.74
C ILE A 27 10.17 26.88 16.65
N ILE A 28 9.03 27.47 16.35
CA ILE A 28 8.96 28.92 16.30
C ILE A 28 8.27 29.34 17.58
N ASN A 29 8.97 30.13 18.38
CA ASN A 29 8.46 30.59 19.66
C ASN A 29 8.39 32.10 19.77
N ASN A 30 7.24 32.68 19.46
CA ASN A 30 7.07 34.12 19.57
C ASN A 30 6.51 34.48 20.93
N VAL A 31 7.22 35.35 21.65
CA VAL A 31 6.78 35.74 22.98
C VAL A 31 6.56 37.25 23.15
N ASN A 32 7.42 38.04 22.52
CA ASN A 32 7.35 39.50 22.60
C ASN A 32 6.82 40.16 21.33
N PHE A 33 5.56 40.54 21.37
CA PHE A 33 4.91 41.17 20.22
C PHE A 33 5.05 42.68 20.24
N CYS A 34 4.87 43.31 19.08
CA CYS A 34 5.03 44.75 19.01
C CYS A 34 3.98 45.50 19.82
N ARG A 35 4.18 46.80 19.94
CA ARG A 35 3.29 47.68 20.68
C ARG A 35 2.01 47.93 19.89
N GLU A 36 2.17 48.24 18.60
CA GLU A 36 1.02 48.50 17.75
C GLU A 36 0.04 47.31 17.77
N SER A 37 0.58 46.13 18.03
CA SER A 37 -0.19 44.87 18.08
C SER A 37 -1.38 44.86 19.04
N GLY A 38 -1.08 45.03 20.32
CA GLY A 38 -2.11 44.97 21.33
C GLY A 38 -2.03 43.57 21.92
N LEU A 39 -1.21 42.72 21.30
CA LEU A 39 -1.02 41.34 21.74
C LEU A 39 -0.14 41.37 22.97
N ARG A 40 -0.47 40.52 23.95
CA ARG A 40 0.28 40.46 25.20
C ARG A 40 1.53 39.60 25.11
N THR A 41 2.46 39.81 26.05
CA THR A 41 3.68 39.00 26.10
C THR A 41 3.28 37.60 26.53
N ARG A 42 3.67 36.61 25.75
CA ARG A 42 3.31 35.23 26.05
C ARG A 42 4.19 34.60 27.12
N THR A 43 4.10 35.15 28.33
CA THR A 43 4.86 34.69 29.49
C THR A 43 4.65 33.22 29.76
N GLY A 44 5.76 32.47 29.79
CA GLY A 44 5.70 31.04 30.04
C GLY A 44 5.99 30.17 28.83
N SER A 45 6.00 30.76 27.65
CA SER A 45 6.23 30.04 26.40
C SER A 45 7.60 29.40 26.38
N ASN A 46 8.56 30.09 26.97
CA ASN A 46 9.91 29.59 27.00
C ASN A 46 10.02 28.26 27.71
N ILE A 47 9.22 28.02 28.74
CA ILE A 47 9.33 26.73 29.41
C ILE A 47 8.71 25.70 28.48
N ASP A 48 7.72 26.12 27.71
CA ASP A 48 7.08 25.22 26.76
C ASP A 48 8.10 24.95 25.65
N CYS A 49 8.71 26.02 25.17
CA CYS A 49 9.68 25.91 24.12
C CYS A 49 10.77 24.90 24.39
N GLU A 50 11.40 24.99 25.55
CA GLU A 50 12.48 24.08 25.89
C GLU A 50 12.02 22.66 26.12
N LYS A 51 10.85 22.49 26.73
CA LYS A 51 10.33 21.15 26.95
C LYS A 51 10.27 20.45 25.62
N LEU A 52 9.72 21.13 24.62
CA LEU A 52 9.62 20.55 23.30
C LEU A 52 10.96 20.37 22.64
N ARG A 53 11.83 21.36 22.79
CA ARG A 53 13.16 21.26 22.20
C ARG A 53 13.73 19.94 22.70
N ARG A 54 13.72 19.77 24.01
CA ARG A 54 14.26 18.57 24.64
C ARG A 54 13.49 17.33 24.24
N ARG A 55 12.17 17.45 24.14
CA ARG A 55 11.32 16.34 23.77
C ARG A 55 11.62 15.79 22.39
N PHE A 56 11.60 16.65 21.38
CA PHE A 56 11.87 16.20 20.02
C PHE A 56 13.31 15.78 19.82
N SER A 57 14.20 16.26 20.68
CA SER A 57 15.61 15.86 20.59
C SER A 57 15.59 14.42 21.05
N SER A 58 14.80 14.18 22.09
CA SER A 58 14.64 12.86 22.65
C SER A 58 14.09 11.88 21.61
N LEU A 59 13.21 12.37 20.75
CA LEU A 59 12.60 11.56 19.71
C LEU A 59 13.42 11.54 18.43
N HIS A 60 14.73 11.76 18.57
CA HIS A 60 15.69 11.74 17.47
C HIS A 60 15.58 12.75 16.31
N PHE A 61 15.04 13.92 16.60
CA PHE A 61 14.94 14.95 15.58
C PHE A 61 16.07 15.97 15.74
N MET A 62 16.35 16.69 14.68
CA MET A 62 17.37 17.73 14.73
C MET A 62 16.54 18.96 14.99
N VAL A 63 16.51 19.40 16.25
CA VAL A 63 15.73 20.56 16.65
C VAL A 63 16.41 21.92 16.48
N GLU A 64 15.65 22.88 15.98
CA GLU A 64 16.14 24.23 15.77
C GLU A 64 15.04 25.18 16.27
N VAL A 65 15.38 25.99 17.27
CA VAL A 65 14.41 26.93 17.82
C VAL A 65 14.68 28.35 17.33
N LYS A 66 13.63 29.03 16.88
CA LYS A 66 13.76 30.40 16.41
C LYS A 66 12.69 31.22 17.10
N GLY A 67 13.12 32.20 17.91
CA GLY A 67 12.16 33.00 18.65
C GLY A 67 11.86 34.36 18.09
N ASP A 68 10.72 34.92 18.49
CA ASP A 68 10.26 36.24 18.08
C ASP A 68 10.56 36.58 16.62
N LEU A 69 9.73 36.06 15.73
CA LEU A 69 9.86 36.29 14.29
C LEU A 69 8.64 37.01 13.72
N THR A 70 8.89 37.99 12.86
CA THR A 70 7.81 38.72 12.22
C THR A 70 7.15 37.73 11.28
N ALA A 71 5.89 37.97 10.90
CA ALA A 71 5.21 37.04 10.01
C ALA A 71 6.10 36.70 8.83
N LYS A 72 6.70 37.72 8.23
CA LYS A 72 7.58 37.55 7.08
C LYS A 72 8.75 36.59 7.37
N LYS A 73 9.36 36.74 8.54
CA LYS A 73 10.48 35.86 8.87
C LYS A 73 10.03 34.43 9.09
N MET A 74 8.79 34.27 9.58
CA MET A 74 8.23 32.94 9.82
C MET A 74 8.20 32.20 8.50
N VAL A 75 7.50 32.79 7.54
CA VAL A 75 7.40 32.23 6.20
C VAL A 75 8.81 31.90 5.70
N LEU A 76 9.74 32.80 5.92
CA LEU A 76 11.11 32.60 5.45
C LEU A 76 11.72 31.36 6.06
N ALA A 77 11.57 31.21 7.38
CA ALA A 77 12.13 30.05 8.06
C ALA A 77 11.48 28.79 7.53
N LEU A 78 10.17 28.83 7.36
CA LEU A 78 9.44 27.69 6.84
C LEU A 78 9.83 27.37 5.40
N LEU A 79 10.07 28.40 4.59
CA LEU A 79 10.48 28.20 3.20
C LEU A 79 11.84 27.53 3.10
N GLU A 80 12.76 27.96 3.95
CA GLU A 80 14.11 27.42 3.96
C GLU A 80 14.09 25.95 4.39
N LEU A 81 13.26 25.66 5.38
CA LEU A 81 13.14 24.32 5.88
C LEU A 81 12.69 23.39 4.75
N ALA A 82 11.63 23.77 4.04
CA ALA A 82 11.13 22.97 2.93
C ALA A 82 12.14 22.91 1.79
N ARG A 83 12.88 24.00 1.65
CA ARG A 83 13.89 24.13 0.62
C ARG A 83 15.03 23.17 0.85
N GLN A 84 15.03 22.48 1.99
CA GLN A 84 16.12 21.55 2.27
C GLN A 84 15.93 20.16 1.70
N ASP A 85 16.96 19.35 1.83
CA ASP A 85 16.94 17.98 1.32
C ASP A 85 16.66 17.00 2.43
N HIS A 86 15.42 16.52 2.48
CA HIS A 86 14.96 15.58 3.50
C HIS A 86 15.05 14.14 2.98
N GLY A 87 15.89 13.93 1.96
CA GLY A 87 16.03 12.60 1.40
C GLY A 87 16.46 11.50 2.34
N ALA A 88 17.39 11.79 3.25
CA ALA A 88 17.86 10.81 4.22
C ALA A 88 17.10 10.92 5.54
N LEU A 89 15.93 11.53 5.50
CA LEU A 89 15.11 11.70 6.68
C LEU A 89 13.77 11.00 6.49
N ASP A 90 13.08 10.72 7.59
CA ASP A 90 11.80 10.03 7.52
C ASP A 90 10.60 10.85 7.95
N CYS A 91 10.82 11.99 8.57
CA CYS A 91 9.70 12.77 9.07
C CYS A 91 10.11 14.24 9.22
N CYS A 92 9.12 15.13 9.38
CA CYS A 92 9.38 16.54 9.60
C CYS A 92 8.39 17.11 10.60
N VAL A 93 8.90 17.81 11.61
CA VAL A 93 8.06 18.42 12.63
C VAL A 93 8.17 19.93 12.63
N VAL A 94 7.03 20.59 12.76
CA VAL A 94 7.02 22.03 12.85
C VAL A 94 6.14 22.40 14.03
N VAL A 95 6.71 23.18 14.94
CA VAL A 95 5.97 23.62 16.12
C VAL A 95 5.90 25.13 16.07
N ILE A 96 4.75 25.68 16.45
CA ILE A 96 4.59 27.11 16.48
C ILE A 96 3.92 27.52 17.78
N LEU A 97 4.60 28.36 18.55
CA LEU A 97 4.10 28.87 19.83
C LEU A 97 3.85 30.35 19.63
N SER A 98 2.60 30.78 19.77
CA SER A 98 2.29 32.19 19.54
C SER A 98 0.80 32.50 19.64
N HIS A 99 0.43 33.75 19.38
CA HIS A 99 -0.96 34.16 19.42
C HIS A 99 -1.55 33.71 18.09
N GLY A 100 -2.86 33.51 18.03
CA GLY A 100 -3.47 33.09 16.78
C GLY A 100 -4.91 33.48 16.65
N CYS A 101 -5.58 33.01 15.60
CA CYS A 101 -6.98 33.36 15.42
C CYS A 101 -7.58 32.64 14.23
N GLN A 102 -8.87 32.92 13.97
CA GLN A 102 -9.58 32.33 12.84
C GLN A 102 -9.15 33.02 11.54
N ALA A 103 -9.07 32.25 10.47
CA ALA A 103 -8.69 32.75 9.18
C ALA A 103 -9.58 32.01 8.19
N SER A 104 -10.02 32.69 7.14
CA SER A 104 -10.85 32.02 6.16
C SER A 104 -9.95 30.96 5.51
N HIS A 105 -10.40 29.71 5.52
CA HIS A 105 -9.61 28.63 4.95
C HIS A 105 -10.40 27.67 4.06
N LEU A 106 -9.66 26.86 3.31
CA LEU A 106 -10.24 25.85 2.42
C LEU A 106 -10.11 24.49 3.07
N GLN A 107 -8.93 24.20 3.62
CA GLN A 107 -8.68 22.92 4.25
C GLN A 107 -8.25 22.95 5.71
N PHE A 108 -7.39 23.92 6.07
CA PHE A 108 -6.89 24.02 7.44
C PHE A 108 -7.22 25.30 8.18
N PRO A 109 -8.07 25.20 9.21
CA PRO A 109 -8.47 26.36 9.99
C PRO A 109 -7.38 27.13 10.71
N GLY A 110 -7.73 28.36 11.10
CA GLY A 110 -6.84 29.24 11.86
C GLY A 110 -5.61 29.86 11.24
N ALA A 111 -5.01 30.75 12.00
CA ALA A 111 -3.79 31.44 11.60
C ALA A 111 -2.93 31.80 12.82
N VAL A 112 -1.66 32.11 12.57
CA VAL A 112 -0.75 32.46 13.65
C VAL A 112 -0.06 33.82 13.44
N TYR A 113 0.03 34.62 14.50
CA TYR A 113 0.63 35.95 14.42
C TYR A 113 2.15 36.03 14.48
N GLY A 114 2.71 36.81 13.56
CA GLY A 114 4.14 37.01 13.58
C GLY A 114 4.33 38.00 14.72
N THR A 115 5.57 38.21 15.11
CA THR A 115 5.87 39.12 16.21
C THR A 115 5.44 40.54 15.83
N ASP A 116 5.37 40.79 14.53
CA ASP A 116 4.98 42.09 14.00
C ASP A 116 3.48 42.30 14.03
N GLY A 117 2.74 41.34 14.57
CA GLY A 117 1.29 41.48 14.64
C GLY A 117 0.57 41.05 13.37
N CYS A 118 1.33 40.65 12.35
CA CYS A 118 0.75 40.21 11.09
C CYS A 118 0.48 38.70 11.13
N PRO A 119 -0.64 38.27 10.52
CA PRO A 119 -1.03 36.85 10.49
C PRO A 119 -0.45 35.99 9.35
N VAL A 120 -0.25 34.72 9.66
CA VAL A 120 0.26 33.71 8.75
C VAL A 120 -0.73 32.60 8.94
N SER A 121 -1.37 32.17 7.85
CA SER A 121 -2.37 31.11 7.95
C SER A 121 -1.73 29.72 8.10
N VAL A 122 -2.36 28.86 8.89
CA VAL A 122 -1.85 27.51 9.10
C VAL A 122 -1.82 26.80 7.76
N GLU A 123 -2.86 27.05 6.96
CA GLU A 123 -3.00 26.44 5.64
C GLU A 123 -1.85 26.82 4.72
N LYS A 124 -1.36 28.03 4.86
CA LYS A 124 -0.25 28.45 4.02
C LYS A 124 0.99 27.73 4.49
N ILE A 125 1.13 27.61 5.81
CA ILE A 125 2.26 26.94 6.43
C ILE A 125 2.31 25.46 6.04
N VAL A 126 1.18 24.79 6.13
CA VAL A 126 1.14 23.37 5.78
C VAL A 126 1.50 23.19 4.31
N ASN A 127 0.92 24.03 3.48
CA ASN A 127 1.14 23.98 2.06
C ASN A 127 2.58 24.24 1.64
N ILE A 128 3.33 24.98 2.44
CA ILE A 128 4.72 25.22 2.08
C ILE A 128 5.38 23.86 1.89
N PHE A 129 4.88 22.87 2.61
CA PHE A 129 5.46 21.53 2.56
C PHE A 129 4.75 20.54 1.65
N ASN A 130 4.14 21.03 0.58
CA ASN A 130 3.44 20.20 -0.39
C ASN A 130 4.44 19.36 -1.18
N GLY A 131 3.93 18.34 -1.88
CA GLY A 131 4.78 17.47 -2.65
C GLY A 131 5.61 18.12 -3.76
N THR A 132 5.10 19.21 -4.33
CA THR A 132 5.81 19.92 -5.39
C THR A 132 6.87 20.81 -4.78
N SER A 133 6.47 21.60 -3.78
CA SER A 133 7.38 22.51 -3.11
C SER A 133 8.48 21.76 -2.37
N CYS A 134 8.18 20.57 -1.87
CA CYS A 134 9.18 19.80 -1.13
C CYS A 134 9.11 18.30 -1.41
N PRO A 135 9.46 17.88 -2.62
CA PRO A 135 9.44 16.46 -3.01
C PRO A 135 10.27 15.56 -2.09
N SER A 136 11.19 16.17 -1.37
CA SER A 136 12.08 15.45 -0.46
C SER A 136 11.31 14.82 0.72
N LEU A 137 10.07 15.24 0.91
CA LEU A 137 9.23 14.72 2.00
C LEU A 137 7.99 14.03 1.43
N GLY A 138 8.00 13.78 0.12
CA GLY A 138 6.90 13.11 -0.53
C GLY A 138 6.65 11.76 0.11
N GLY A 139 5.41 11.52 0.54
CA GLY A 139 5.07 10.25 1.16
C GLY A 139 5.50 10.12 2.62
N LYS A 140 6.25 11.08 3.14
CA LYS A 140 6.70 11.02 4.52
C LYS A 140 5.82 11.90 5.41
N PRO A 141 5.66 11.53 6.70
CA PRO A 141 4.81 12.36 7.55
C PRO A 141 5.38 13.74 7.94
N LYS A 142 4.58 14.77 7.70
CA LYS A 142 4.94 16.14 8.05
C LYS A 142 3.97 16.52 9.15
N LEU A 143 4.53 16.72 10.34
CA LEU A 143 3.71 17.03 11.51
C LEU A 143 3.74 18.51 11.91
N PHE A 144 2.59 19.02 12.34
CA PHE A 144 2.50 20.41 12.74
C PHE A 144 1.77 20.54 14.07
N PHE A 145 2.46 21.07 15.07
CA PHE A 145 1.84 21.25 16.37
C PHE A 145 1.58 22.73 16.52
N ILE A 146 0.33 23.10 16.75
CA ILE A 146 0.01 24.52 16.85
C ILE A 146 -0.60 24.93 18.17
N GLN A 147 0.19 25.73 18.89
CA GLN A 147 -0.20 26.26 20.19
C GLN A 147 -0.51 27.76 20.05
N ALA A 148 -1.76 28.06 19.70
CA ALA A 148 -2.21 29.44 19.53
C ALA A 148 -3.71 29.50 19.66
N CYS A 149 -4.23 30.65 20.05
CA CYS A 149 -5.68 30.77 20.17
C CYS A 149 -6.29 30.38 18.83
N GLY A 150 -7.33 29.57 18.87
CA GLY A 150 -7.95 29.16 17.63
C GLY A 150 -8.99 30.18 17.28
N GLY A 151 -9.28 31.03 18.27
CA GLY A 151 -10.30 32.06 18.09
C GLY A 151 -10.50 32.90 19.34
N GLU A 152 -11.55 33.72 19.33
CA GLU A 152 -11.85 34.63 20.44
C GLU A 152 -12.76 34.12 21.54
N GLN A 153 -13.61 33.13 21.25
CA GLN A 153 -14.56 32.64 22.24
C GLN A 153 -14.01 31.88 23.45
N LYS A 154 -14.41 32.34 24.63
CA LYS A 154 -14.00 31.69 25.87
C LYS A 154 -15.10 30.70 26.20
N ASP A 155 -14.78 29.42 26.05
CA ASP A 155 -15.72 28.32 26.25
C ASP A 155 -16.05 27.94 27.72
N HIS A 156 -17.32 28.07 28.09
CA HIS A 156 -17.78 27.74 29.44
C HIS A 156 -18.08 26.26 29.60
N GLY A 157 -18.43 25.62 28.48
CA GLY A 157 -18.73 24.20 28.48
C GLY A 157 -20.09 23.83 29.06
N PHE A 158 -20.19 22.60 29.55
CA PHE A 158 -21.43 22.13 30.16
C PHE A 158 -21.14 21.02 31.16
N GLU A 159 -22.00 20.92 32.18
CA GLU A 159 -21.84 19.91 33.22
C GLU A 159 -22.22 18.54 32.67
N VAL A 160 -21.54 17.50 33.12
CA VAL A 160 -21.79 16.14 32.69
C VAL A 160 -21.84 15.21 33.91
N LEU A 197 -1.76 18.58 -8.22
CA LEU A 197 -2.85 19.28 -7.47
C LEU A 197 -2.49 19.47 -6.00
N PRO A 198 -2.69 20.69 -5.47
CA PRO A 198 -2.37 21.00 -4.07
C PRO A 198 -3.28 20.27 -3.08
N THR A 199 -2.92 19.03 -2.76
CA THR A 199 -3.70 18.24 -1.82
C THR A 199 -2.83 17.77 -0.66
N PRO A 200 -3.36 17.82 0.57
CA PRO A 200 -2.63 17.40 1.77
C PRO A 200 -2.28 15.91 1.69
N SER A 201 -1.07 15.57 2.08
CA SER A 201 -0.67 14.17 2.07
C SER A 201 0.36 13.90 3.13
N ASP A 202 0.02 13.00 4.04
CA ASP A 202 0.92 12.67 5.12
C ASP A 202 1.11 13.94 5.90
N ILE A 203 0.03 14.73 5.96
CA ILE A 203 0.02 15.96 6.72
C ILE A 203 -0.75 15.69 7.99
N PHE A 204 -0.24 16.16 9.11
CA PHE A 204 -0.92 15.97 10.38
C PHE A 204 -0.79 17.24 11.18
N VAL A 205 -1.91 17.90 11.44
CA VAL A 205 -1.89 19.15 12.19
C VAL A 205 -2.59 19.05 13.54
N SER A 206 -1.81 19.00 14.61
CA SER A 206 -2.36 18.95 15.95
C SER A 206 -2.69 20.35 16.50
N TYR A 207 -3.95 20.57 16.82
CA TYR A 207 -4.40 21.85 17.36
C TYR A 207 -4.54 21.84 18.89
N SER A 208 -4.07 22.91 19.51
CA SER A 208 -4.18 23.02 20.95
C SER A 208 -5.64 23.21 21.33
N THR A 209 -6.35 23.97 20.52
CA THR A 209 -7.75 24.27 20.80
C THR A 209 -8.60 24.14 19.54
N PHE A 210 -9.91 23.93 19.73
CA PHE A 210 -10.88 23.80 18.64
C PHE A 210 -10.95 25.14 17.87
N PRO A 211 -11.01 25.11 16.53
CA PRO A 211 -11.09 26.35 15.73
C PRO A 211 -12.19 27.29 16.21
N GLY A 212 -11.82 28.54 16.49
CA GLY A 212 -12.79 29.50 16.96
C GLY A 212 -12.71 29.79 18.45
N PHE A 213 -12.09 28.90 19.22
CA PHE A 213 -11.99 29.08 20.65
C PHE A 213 -10.64 29.60 21.18
N VAL A 214 -10.64 29.93 22.47
CA VAL A 214 -9.47 30.45 23.15
C VAL A 214 -8.63 29.32 23.73
N SER A 215 -7.31 29.46 23.61
CA SER A 215 -6.33 28.49 24.12
C SER A 215 -5.79 29.06 25.43
N TRP A 216 -5.76 28.26 26.49
CA TRP A 216 -5.29 28.76 27.78
C TRP A 216 -3.84 28.52 28.11
N ARG A 217 -3.25 29.49 28.80
CA ARG A 217 -1.84 29.45 29.20
C ARG A 217 -1.65 29.89 30.66
N ASP A 218 -0.53 29.49 31.26
CA ASP A 218 -0.20 29.85 32.65
C ASP A 218 1.18 30.50 32.58
N PRO A 219 1.37 31.66 33.25
CA PRO A 219 2.63 32.40 33.27
C PRO A 219 3.86 31.68 33.81
N LYS A 220 3.66 30.70 34.69
CA LYS A 220 4.79 29.99 35.27
C LYS A 220 4.75 28.48 35.09
N SER A 221 3.69 27.99 34.43
CA SER A 221 3.53 26.55 34.19
C SER A 221 3.41 26.24 32.70
N GLY A 222 3.23 27.29 31.89
CA GLY A 222 3.11 27.11 30.45
C GLY A 222 1.69 26.82 29.99
N SER A 223 1.53 26.64 28.68
CA SER A 223 0.23 26.34 28.09
C SER A 223 -0.25 24.95 28.46
N TRP A 224 -1.53 24.84 28.80
CA TRP A 224 -2.13 23.55 29.17
C TRP A 224 -1.69 22.43 28.24
N TYR A 225 -1.95 22.68 26.95
CA TYR A 225 -1.63 21.77 25.86
C TYR A 225 -0.21 21.26 25.81
N VAL A 226 0.77 22.17 25.81
CA VAL A 226 2.16 21.75 25.74
C VAL A 226 2.57 20.99 26.99
N GLU A 227 2.23 21.53 28.16
CA GLU A 227 2.60 20.83 29.38
C GLU A 227 2.03 19.43 29.40
N THR A 228 0.80 19.30 28.93
CA THR A 228 0.13 18.01 28.88
C THR A 228 0.79 17.09 27.85
N LEU A 229 1.02 17.62 26.65
CA LEU A 229 1.60 16.82 25.60
C LEU A 229 2.97 16.29 26.00
N ASP A 230 3.84 17.14 26.54
CA ASP A 230 5.17 16.70 26.95
C ASP A 230 5.07 15.64 28.03
N ASP A 231 4.20 15.88 28.99
CA ASP A 231 4.00 14.92 30.03
C ASP A 231 3.58 13.56 29.44
N ILE A 232 2.55 13.55 28.59
CA ILE A 232 2.05 12.33 27.93
C ILE A 232 3.12 11.68 27.04
N PHE A 233 3.77 12.45 26.18
CA PHE A 233 4.83 11.92 25.32
C PHE A 233 5.92 11.29 26.19
N GLU A 234 6.09 11.84 27.38
CA GLU A 234 7.07 11.31 28.32
C GLU A 234 6.67 9.89 28.66
N GLN A 235 5.51 9.75 29.29
CA GLN A 235 5.00 8.45 29.70
C GLN A 235 4.70 7.43 28.59
N TRP A 236 4.28 7.87 27.41
CA TRP A 236 3.90 6.89 26.38
C TRP A 236 4.54 6.82 24.99
N ALA A 237 5.21 7.87 24.54
CA ALA A 237 5.82 7.82 23.21
C ALA A 237 6.51 6.50 22.89
N HIS A 238 7.01 5.82 23.92
CA HIS A 238 7.71 4.55 23.70
C HIS A 238 6.79 3.41 23.30
N SER A 239 5.53 3.48 23.67
CA SER A 239 4.63 2.38 23.33
C SER A 239 3.36 2.78 22.60
N GLU A 240 3.21 4.05 22.28
CA GLU A 240 1.98 4.45 21.60
C GLU A 240 2.21 5.38 20.41
N ASP A 241 1.35 5.24 19.40
CA ASP A 241 1.43 6.02 18.18
C ASP A 241 0.99 7.48 18.39
N LEU A 242 1.48 8.37 17.53
CA LEU A 242 1.17 9.78 17.58
C LEU A 242 -0.29 10.13 17.89
N GLN A 243 -1.23 9.54 17.17
CA GLN A 243 -2.64 9.85 17.41
C GLN A 243 -3.09 9.42 18.79
N SER A 244 -2.77 8.19 19.18
CA SER A 244 -3.17 7.70 20.49
C SER A 244 -2.71 8.66 21.59
N LEU A 245 -1.47 9.12 21.46
CA LEU A 245 -0.90 10.06 22.40
C LEU A 245 -1.79 11.31 22.51
N LEU A 246 -2.16 11.87 21.38
CA LEU A 246 -3.00 13.07 21.37
C LEU A 246 -4.42 12.91 21.92
N LEU A 247 -4.97 11.69 21.93
CA LEU A 247 -6.30 11.51 22.53
C LEU A 247 -6.09 11.70 24.03
N ARG A 248 -5.03 11.08 24.54
CA ARG A 248 -4.69 11.23 25.93
C ARG A 248 -4.57 12.72 26.24
N VAL A 249 -3.85 13.46 25.39
CA VAL A 249 -3.67 14.90 25.59
C VAL A 249 -4.99 15.63 25.57
N ALA A 250 -5.82 15.33 24.58
CA ALA A 250 -7.14 15.95 24.46
C ALA A 250 -8.02 15.59 25.63
N ASN A 251 -7.93 14.34 26.06
CA ASN A 251 -8.75 13.93 27.17
C ASN A 251 -8.32 14.67 28.42
N ALA A 252 -7.03 14.69 28.69
CA ALA A 252 -6.48 15.36 29.88
C ALA A 252 -6.87 16.83 29.93
N VAL A 253 -6.55 17.58 28.88
CA VAL A 253 -6.87 19.00 28.83
C VAL A 253 -8.34 19.32 28.95
N SER A 254 -9.20 18.44 28.44
CA SER A 254 -10.64 18.65 28.45
C SER A 254 -11.29 18.75 29.81
N VAL A 255 -10.62 18.25 30.85
CA VAL A 255 -11.20 18.32 32.18
C VAL A 255 -10.68 19.52 32.97
N LYS A 256 -9.77 20.29 32.37
CA LYS A 256 -9.18 21.44 33.05
C LYS A 256 -10.00 22.70 33.27
N GLY A 257 -9.35 23.65 33.95
CA GLY A 257 -9.86 24.97 34.28
C GLY A 257 -11.33 25.23 34.38
N ILE A 258 -11.69 26.50 34.53
CA ILE A 258 -13.10 26.88 34.62
C ILE A 258 -13.53 26.98 33.17
N TYR A 259 -12.64 27.54 32.36
CA TYR A 259 -12.91 27.67 30.93
C TYR A 259 -12.39 26.41 30.27
N LYS A 260 -13.11 25.95 29.26
CA LYS A 260 -12.79 24.71 28.58
C LYS A 260 -11.98 24.85 27.31
N GLN A 261 -11.20 23.82 27.00
CA GLN A 261 -10.37 23.79 25.80
C GLN A 261 -10.44 22.38 25.23
N MET A 262 -10.71 22.28 23.93
CA MET A 262 -10.81 20.95 23.30
C MET A 262 -9.83 20.70 22.17
N PRO A 263 -8.63 20.21 22.49
CA PRO A 263 -7.57 19.91 21.54
C PRO A 263 -8.04 18.90 20.47
N GLY A 264 -7.43 18.96 19.30
CA GLY A 264 -7.79 18.04 18.26
C GLY A 264 -6.89 18.25 17.08
N CYS A 265 -7.02 17.42 16.06
CA CYS A 265 -6.16 17.57 14.90
C CYS A 265 -6.75 17.18 13.56
N PHE A 266 -6.14 17.71 12.51
CA PHE A 266 -6.55 17.43 11.13
C PHE A 266 -5.55 16.42 10.64
N ASN A 267 -6.03 15.18 10.57
CA ASN A 267 -5.25 14.02 10.20
C ASN A 267 -5.37 13.60 8.75
N PHE A 268 -4.30 13.78 7.99
CA PHE A 268 -4.28 13.36 6.59
C PHE A 268 -3.20 12.31 6.43
N LEU A 269 -2.92 11.60 7.51
CA LEU A 269 -1.92 10.55 7.51
C LEU A 269 -2.48 9.28 6.91
N ARG A 270 -1.60 8.39 6.47
CA ARG A 270 -1.99 7.12 5.87
C ARG A 270 -1.70 5.96 6.79
N LYS A 271 -0.86 6.17 7.79
CA LYS A 271 -0.48 5.10 8.69
C LYS A 271 -0.29 5.60 10.10
N LYS A 272 -0.06 4.68 11.02
CA LYS A 272 0.19 5.06 12.40
C LYS A 272 1.63 5.54 12.48
N LEU A 273 1.92 6.40 13.44
CA LEU A 273 3.26 6.90 13.62
C LEU A 273 3.81 6.65 15.02
N PHE A 274 4.88 5.88 15.08
CA PHE A 274 5.54 5.58 16.34
C PHE A 274 6.90 6.27 16.28
N PHE A 275 7.16 7.13 17.24
CA PHE A 275 8.42 7.85 17.29
C PHE A 275 9.59 6.99 17.72
N LYS A 276 10.78 7.36 17.26
CA LYS A 276 11.99 6.67 17.65
C LYS A 276 12.29 7.14 19.07
N THR A 277 12.24 6.23 20.04
CA THR A 277 12.50 6.60 21.43
C THR A 277 13.90 6.27 21.93
N SER A 278 14.34 7.01 22.96
CA SER A 278 15.66 6.87 23.58
C SER A 278 16.47 5.64 23.15
N ASN B 10 -10.31 0.78 28.56
CA ASN B 10 -10.54 1.08 30.00
C ASN B 10 -9.72 2.27 30.45
N ALA B 11 -9.84 2.63 31.72
CA ALA B 11 -9.11 3.76 32.29
C ALA B 11 -9.45 5.04 31.54
N ASP B 12 -10.64 5.06 30.94
CA ASP B 12 -11.11 6.21 30.19
C ASP B 12 -10.32 6.41 28.90
N LEU B 13 -9.81 5.31 28.35
CA LEU B 13 -9.06 5.38 27.10
C LEU B 13 -9.95 5.10 25.91
N ALA B 14 -11.16 4.61 26.16
CA ALA B 14 -12.08 4.31 25.08
C ALA B 14 -13.51 4.63 25.47
N TYR B 15 -14.31 5.07 24.52
CA TYR B 15 -15.72 5.38 24.80
C TYR B 15 -16.44 4.07 25.06
N ILE B 16 -17.33 4.09 26.05
CA ILE B 16 -18.13 2.91 26.40
C ILE B 16 -19.38 2.82 25.53
N LEU B 17 -19.47 1.75 24.75
CA LEU B 17 -20.61 1.51 23.88
C LEU B 17 -21.31 0.26 24.38
N SER B 18 -22.00 0.40 25.51
CA SER B 18 -22.68 -0.72 26.12
C SER B 18 -24.12 -0.87 25.61
N MET B 19 -24.84 0.24 25.59
CA MET B 19 -26.23 0.24 25.14
C MET B 19 -26.50 -0.53 23.85
N GLU B 20 -27.73 -1.02 23.72
CA GLU B 20 -28.18 -1.76 22.56
C GLU B 20 -29.63 -1.35 22.25
N PRO B 21 -29.87 -0.63 21.15
CA PRO B 21 -28.94 -0.15 20.11
C PRO B 21 -27.90 0.87 20.58
N CYS B 22 -26.85 0.98 19.80
CA CYS B 22 -25.75 1.89 20.07
C CYS B 22 -26.13 3.37 19.90
N GLY B 23 -26.99 3.67 18.93
CA GLY B 23 -27.40 5.04 18.74
C GLY B 23 -28.18 5.27 17.48
N HIS B 24 -28.40 6.54 17.14
CA HIS B 24 -29.13 6.92 15.95
C HIS B 24 -28.14 7.26 14.85
N CYS B 25 -28.49 6.95 13.61
CA CYS B 25 -27.66 7.22 12.45
C CYS B 25 -28.53 7.75 11.32
N LEU B 26 -28.19 8.94 10.82
CA LEU B 26 -28.94 9.54 9.73
C LEU B 26 -28.08 9.56 8.46
N ILE B 27 -28.64 9.10 7.35
CA ILE B 27 -27.92 9.10 6.08
C ILE B 27 -28.64 9.99 5.09
N ILE B 28 -28.04 11.14 4.75
CA ILE B 28 -28.64 12.03 3.77
C ILE B 28 -28.11 11.61 2.43
N ASN B 29 -28.99 11.12 1.56
CA ASN B 29 -28.56 10.67 0.24
C ASN B 29 -29.11 11.55 -0.86
N ASN B 30 -28.29 12.46 -1.38
CA ASN B 30 -28.72 13.36 -2.45
C ASN B 30 -28.31 12.83 -3.82
N VAL B 31 -29.30 12.59 -4.66
CA VAL B 31 -29.07 12.04 -6.00
C VAL B 31 -29.53 12.92 -7.15
N ASN B 32 -30.73 13.49 -7.00
CA ASN B 32 -31.34 14.31 -8.05
C ASN B 32 -31.34 15.79 -7.72
N PHE B 33 -30.68 16.57 -8.56
CA PHE B 33 -30.60 18.00 -8.34
C PHE B 33 -31.40 18.78 -9.37
N CYS B 34 -31.90 19.93 -8.97
CA CYS B 34 -32.72 20.78 -9.83
C CYS B 34 -31.90 21.28 -11.02
N ARG B 35 -32.60 21.73 -12.07
CA ARG B 35 -31.95 22.23 -13.28
C ARG B 35 -31.18 23.54 -13.07
N GLU B 36 -31.76 24.46 -12.31
CA GLU B 36 -31.14 25.75 -12.06
C GLU B 36 -29.69 25.63 -11.57
N SER B 37 -29.43 24.60 -10.77
CA SER B 37 -28.10 24.39 -10.20
C SER B 37 -27.07 23.85 -11.19
N GLY B 38 -27.51 23.01 -12.11
CA GLY B 38 -26.59 22.45 -13.08
C GLY B 38 -25.76 21.33 -12.50
N LEU B 39 -26.14 20.84 -11.32
CA LEU B 39 -25.41 19.75 -10.69
C LEU B 39 -25.93 18.42 -11.26
N ARG B 40 -25.03 17.63 -11.83
CA ARG B 40 -25.40 16.34 -12.42
C ARG B 40 -26.01 15.35 -11.44
N THR B 41 -26.83 14.44 -11.96
CA THR B 41 -27.47 13.43 -11.15
C THR B 41 -26.36 12.54 -10.62
N ARG B 42 -26.47 12.19 -9.34
CA ARG B 42 -25.45 11.34 -8.73
C ARG B 42 -25.90 9.89 -8.73
N THR B 43 -26.01 9.34 -9.93
CA THR B 43 -26.42 7.95 -10.10
C THR B 43 -25.30 7.08 -9.56
N GLY B 44 -25.66 6.03 -8.82
CA GLY B 44 -24.65 5.17 -8.24
C GLY B 44 -24.56 5.41 -6.75
N SER B 45 -25.08 6.56 -6.32
CA SER B 45 -25.10 6.92 -4.92
C SER B 45 -26.04 6.02 -4.13
N ASN B 46 -27.06 5.46 -4.80
CA ASN B 46 -28.00 4.57 -4.13
C ASN B 46 -27.24 3.31 -3.73
N ILE B 47 -26.31 2.89 -4.58
CA ILE B 47 -25.50 1.71 -4.26
C ILE B 47 -24.76 2.05 -2.96
N ASP B 48 -24.17 3.24 -2.93
CA ASP B 48 -23.42 3.75 -1.79
C ASP B 48 -24.24 3.79 -0.51
N CYS B 49 -25.44 4.36 -0.63
CA CYS B 49 -26.37 4.50 0.46
C CYS B 49 -26.73 3.13 1.03
N GLU B 50 -27.02 2.18 0.15
CA GLU B 50 -27.38 0.87 0.62
C GLU B 50 -26.24 0.20 1.37
N LYS B 51 -25.01 0.36 0.88
CA LYS B 51 -23.85 -0.23 1.53
C LYS B 51 -23.70 0.34 2.94
N LEU B 52 -23.81 1.65 3.05
CA LEU B 52 -23.67 2.33 4.32
C LEU B 52 -24.80 2.05 5.29
N ARG B 53 -26.04 2.04 4.79
CA ARG B 53 -27.21 1.75 5.63
C ARG B 53 -27.06 0.35 6.24
N ARG B 54 -26.71 -0.60 5.38
CA ARG B 54 -26.49 -1.99 5.75
C ARG B 54 -25.35 -2.07 6.77
N ARG B 55 -24.33 -1.25 6.54
CA ARG B 55 -23.13 -1.20 7.39
C ARG B 55 -23.37 -0.70 8.80
N PHE B 56 -23.82 0.54 8.91
CA PHE B 56 -24.06 1.12 10.23
C PHE B 56 -25.15 0.38 10.97
N SER B 57 -25.87 -0.46 10.24
CA SER B 57 -26.92 -1.24 10.86
C SER B 57 -26.17 -2.32 11.64
N SER B 58 -25.17 -2.93 10.98
CA SER B 58 -24.35 -3.98 11.57
C SER B 58 -23.65 -3.45 12.80
N LEU B 59 -23.34 -2.16 12.79
CA LEU B 59 -22.67 -1.52 13.90
C LEU B 59 -23.68 -1.15 14.98
N HIS B 60 -24.84 -1.81 14.92
CA HIS B 60 -25.92 -1.64 15.88
C HIS B 60 -26.55 -0.28 16.00
N PHE B 61 -26.74 0.43 14.89
CA PHE B 61 -27.37 1.75 14.94
C PHE B 61 -28.77 1.69 14.35
N MET B 62 -29.61 2.66 14.72
CA MET B 62 -30.95 2.72 14.20
C MET B 62 -30.86 3.68 13.04
N VAL B 63 -30.56 3.11 11.87
CA VAL B 63 -30.37 3.89 10.66
C VAL B 63 -31.63 4.38 9.98
N GLU B 64 -31.61 5.65 9.61
CA GLU B 64 -32.72 6.27 8.91
C GLU B 64 -32.14 6.98 7.68
N VAL B 65 -32.62 6.58 6.50
CA VAL B 65 -32.16 7.17 5.26
C VAL B 65 -33.16 8.23 4.81
N LYS B 66 -32.67 9.25 4.09
CA LYS B 66 -33.52 10.32 3.59
C LYS B 66 -32.96 10.84 2.28
N GLY B 67 -33.72 10.67 1.20
CA GLY B 67 -33.25 11.07 -0.12
C GLY B 67 -33.63 12.44 -0.64
N ASP B 68 -32.79 12.95 -1.53
CA ASP B 68 -32.98 14.24 -2.16
C ASP B 68 -33.53 15.31 -1.24
N LEU B 69 -32.65 15.84 -0.40
CA LEU B 69 -33.04 16.87 0.55
C LEU B 69 -32.50 18.21 0.15
N THR B 70 -33.24 19.24 0.51
CA THR B 70 -32.87 20.62 0.21
C THR B 70 -31.96 21.08 1.33
N ALA B 71 -31.16 22.11 1.10
CA ALA B 71 -30.29 22.65 2.13
C ALA B 71 -31.15 22.91 3.35
N LYS B 72 -32.26 23.59 3.13
CA LYS B 72 -33.17 23.90 4.21
C LYS B 72 -33.69 22.59 4.82
N LYS B 73 -34.16 21.66 4.01
CA LYS B 73 -34.66 20.40 4.57
C LYS B 73 -33.58 19.55 5.25
N MET B 74 -32.35 19.58 4.73
CA MET B 74 -31.24 18.83 5.32
C MET B 74 -31.02 19.33 6.74
N VAL B 75 -30.95 20.65 6.86
CA VAL B 75 -30.74 21.29 8.16
C VAL B 75 -31.86 20.92 9.13
N LEU B 76 -33.10 20.90 8.65
CA LEU B 76 -34.23 20.58 9.52
C LEU B 76 -34.14 19.14 10.03
N ALA B 77 -33.76 18.24 9.13
CA ALA B 77 -33.62 16.84 9.46
C ALA B 77 -32.53 16.68 10.52
N LEU B 78 -31.44 17.44 10.36
CA LEU B 78 -30.32 17.39 11.31
C LEU B 78 -30.79 17.90 12.67
N LEU B 79 -31.43 19.07 12.68
CA LEU B 79 -31.95 19.62 13.92
C LEU B 79 -32.92 18.63 14.55
N GLU B 80 -33.73 17.99 13.71
CA GLU B 80 -34.70 17.03 14.19
C GLU B 80 -33.98 15.90 14.89
N LEU B 81 -32.77 15.60 14.44
CA LEU B 81 -32.00 14.53 15.07
C LEU B 81 -31.44 14.95 16.42
N ALA B 82 -30.95 16.18 16.51
CA ALA B 82 -30.38 16.68 17.75
C ALA B 82 -31.46 16.90 18.80
N ARG B 83 -32.69 17.16 18.35
CA ARG B 83 -33.80 17.39 19.28
C ARG B 83 -34.19 16.09 19.95
N GLN B 84 -33.61 15.00 19.48
CA GLN B 84 -33.90 13.68 20.02
C GLN B 84 -33.29 13.53 21.40
N ASP B 85 -33.65 12.48 22.13
CA ASP B 85 -33.08 12.24 23.45
C ASP B 85 -32.18 11.03 23.36
N HIS B 86 -30.89 11.32 23.19
CA HIS B 86 -29.86 10.29 23.06
C HIS B 86 -29.42 9.81 24.43
N GLY B 87 -30.11 10.32 25.47
CA GLY B 87 -29.81 9.97 26.85
C GLY B 87 -29.27 8.58 27.12
N ALA B 88 -30.03 7.55 26.77
CA ALA B 88 -29.60 6.18 27.01
C ALA B 88 -28.81 5.62 25.84
N LEU B 89 -28.48 6.45 24.86
CA LEU B 89 -27.72 5.97 23.70
C LEU B 89 -26.26 6.33 23.88
N ASP B 90 -25.37 5.61 23.19
CA ASP B 90 -23.94 5.86 23.34
C ASP B 90 -23.25 6.66 22.23
N CYS B 91 -23.84 6.72 21.05
CA CYS B 91 -23.21 7.41 19.94
C CYS B 91 -24.21 7.92 18.89
N CYS B 92 -23.80 8.92 18.12
CA CYS B 92 -24.65 9.46 17.06
C CYS B 92 -23.87 9.46 15.76
N VAL B 93 -24.55 9.20 14.65
CA VAL B 93 -23.92 9.15 13.35
C VAL B 93 -24.70 9.86 12.27
N VAL B 94 -23.99 10.61 11.45
CA VAL B 94 -24.59 11.35 10.34
C VAL B 94 -23.74 11.08 9.11
N VAL B 95 -24.39 10.73 8.01
CA VAL B 95 -23.68 10.47 6.77
C VAL B 95 -24.38 11.29 5.70
N ILE B 96 -23.61 11.96 4.85
CA ILE B 96 -24.18 12.74 3.78
C ILE B 96 -23.49 12.42 2.47
N LEU B 97 -24.28 12.10 1.45
CA LEU B 97 -23.77 11.78 0.12
C LEU B 97 -24.32 12.86 -0.77
N SER B 98 -23.44 13.59 -1.44
CA SER B 98 -23.90 14.65 -2.30
C SER B 98 -22.74 15.31 -3.02
N HIS B 99 -23.05 16.38 -3.75
CA HIS B 99 -22.01 17.11 -4.44
C HIS B 99 -21.36 17.98 -3.40
N GLY B 100 -20.05 18.14 -3.53
CA GLY B 100 -19.32 18.96 -2.61
C GLY B 100 -19.23 20.40 -3.06
N CYS B 101 -19.20 21.30 -2.08
CA CYS B 101 -19.10 22.72 -2.30
C CYS B 101 -17.70 23.12 -1.82
N GLN B 102 -16.95 23.83 -2.65
CA GLN B 102 -15.60 24.21 -2.27
C GLN B 102 -15.42 25.62 -1.75
N ALA B 103 -16.43 26.12 -1.05
CA ALA B 103 -16.37 27.45 -0.45
C ALA B 103 -15.35 27.43 0.69
N SER B 104 -14.72 28.57 0.96
CA SER B 104 -13.77 28.64 2.05
C SER B 104 -14.59 29.04 3.27
N HIS B 105 -14.13 28.66 4.48
CA HIS B 105 -14.87 29.00 5.69
C HIS B 105 -14.00 29.55 6.82
N LEU B 106 -14.67 29.93 7.91
CA LEU B 106 -14.00 30.48 9.05
C LEU B 106 -13.60 29.45 10.08
N GLN B 107 -14.57 28.67 10.55
CA GLN B 107 -14.30 27.66 11.57
C GLN B 107 -13.89 26.29 11.05
N PHE B 108 -14.76 25.65 10.27
CA PHE B 108 -14.47 24.31 9.72
C PHE B 108 -14.55 24.25 8.19
N PRO B 109 -13.73 23.39 7.57
CA PRO B 109 -13.77 23.28 6.12
C PRO B 109 -14.87 22.31 5.67
N GLY B 110 -15.27 22.38 4.41
CA GLY B 110 -16.26 21.46 3.91
C GLY B 110 -17.67 21.95 3.85
N ALA B 111 -18.37 21.54 2.79
CA ALA B 111 -19.77 21.88 2.56
C ALA B 111 -20.33 20.85 1.58
N VAL B 112 -21.64 20.66 1.62
CA VAL B 112 -22.27 19.70 0.72
C VAL B 112 -23.53 20.32 0.17
N TYR B 113 -23.78 20.06 -1.11
CA TYR B 113 -24.96 20.64 -1.75
C TYR B 113 -26.26 19.93 -1.49
N GLY B 114 -27.30 20.72 -1.23
CA GLY B 114 -28.62 20.15 -1.05
C GLY B 114 -29.13 20.04 -2.48
N THR B 115 -30.28 19.42 -2.68
CA THR B 115 -30.82 19.27 -4.04
C THR B 115 -31.15 20.60 -4.72
N ASP B 116 -31.45 21.62 -3.93
CA ASP B 116 -31.79 22.93 -4.47
C ASP B 116 -30.56 23.69 -4.97
N GLY B 117 -29.37 23.16 -4.74
CA GLY B 117 -28.18 23.86 -5.20
C GLY B 117 -27.54 24.76 -4.15
N CYS B 118 -28.14 24.82 -2.96
CA CYS B 118 -27.60 25.63 -1.87
C CYS B 118 -26.73 24.78 -0.98
N PRO B 119 -25.61 25.34 -0.50
CA PRO B 119 -24.71 24.60 0.37
C PRO B 119 -25.11 24.60 1.84
N VAL B 120 -24.52 23.67 2.57
CA VAL B 120 -24.69 23.50 4.02
C VAL B 120 -23.27 23.19 4.48
N SER B 121 -22.63 24.15 5.13
CA SER B 121 -21.24 23.95 5.57
C SER B 121 -21.12 22.88 6.64
N VAL B 122 -19.97 22.23 6.66
CA VAL B 122 -19.73 21.18 7.64
C VAL B 122 -19.76 21.83 9.02
N GLU B 123 -19.33 23.07 9.10
CA GLU B 123 -19.31 23.79 10.37
C GLU B 123 -20.70 23.99 10.95
N LYS B 124 -21.70 24.14 10.09
CA LYS B 124 -23.03 24.33 10.61
C LYS B 124 -23.53 23.00 11.15
N ILE B 125 -23.26 21.95 10.38
CA ILE B 125 -23.65 20.59 10.70
C ILE B 125 -23.08 20.11 12.03
N VAL B 126 -21.78 20.31 12.20
CA VAL B 126 -21.09 19.91 13.42
C VAL B 126 -21.74 20.57 14.63
N ASN B 127 -21.93 21.87 14.57
CA ASN B 127 -22.52 22.62 15.68
C ASN B 127 -23.95 22.26 16.05
N ILE B 128 -24.73 21.83 15.08
CA ILE B 128 -26.10 21.46 15.40
C ILE B 128 -26.04 20.35 16.45
N PHE B 129 -24.88 19.71 16.57
CA PHE B 129 -24.70 18.60 17.51
C PHE B 129 -23.77 18.86 18.70
N ASN B 130 -23.40 20.12 18.94
CA ASN B 130 -22.51 20.42 20.06
C ASN B 130 -23.22 20.29 21.40
N GLY B 131 -22.48 20.52 22.49
CA GLY B 131 -23.04 20.40 23.82
C GLY B 131 -24.23 21.26 24.19
N THR B 132 -24.27 22.48 23.70
CA THR B 132 -25.35 23.40 23.99
C THR B 132 -26.61 23.04 23.21
N SER B 133 -26.43 22.77 21.94
CA SER B 133 -27.55 22.45 21.09
C SER B 133 -28.07 21.05 21.31
N CYS B 134 -27.21 20.17 21.80
CA CYS B 134 -27.63 18.80 22.01
C CYS B 134 -27.03 18.22 23.28
N PRO B 135 -27.46 18.72 24.43
CA PRO B 135 -26.95 18.26 25.72
C PRO B 135 -27.10 16.75 25.86
N SER B 136 -28.11 16.20 25.18
CA SER B 136 -28.37 14.77 25.24
C SER B 136 -27.14 13.91 24.88
N LEU B 137 -26.33 14.37 23.92
CA LEU B 137 -25.15 13.64 23.51
C LEU B 137 -23.85 14.10 24.18
N GLY B 138 -23.96 14.96 25.19
CA GLY B 138 -22.77 15.45 25.86
C GLY B 138 -21.85 14.32 26.32
N GLY B 139 -20.57 14.41 26.00
CA GLY B 139 -19.65 13.37 26.41
C GLY B 139 -19.68 12.12 25.54
N LYS B 140 -20.66 12.00 24.67
CA LYS B 140 -20.77 10.84 23.78
C LYS B 140 -20.20 11.22 22.41
N PRO B 141 -19.66 10.25 21.68
CA PRO B 141 -19.08 10.54 20.36
C PRO B 141 -20.07 10.84 19.22
N LYS B 142 -19.89 12.00 18.60
CA LYS B 142 -20.71 12.44 17.46
C LYS B 142 -19.87 12.26 16.20
N LEU B 143 -20.26 11.31 15.35
CA LEU B 143 -19.50 11.02 14.12
C LEU B 143 -20.17 11.53 12.84
N PHE B 144 -19.37 12.15 11.98
CA PHE B 144 -19.89 12.64 10.72
C PHE B 144 -19.07 12.08 9.58
N PHE B 145 -19.76 11.46 8.62
CA PHE B 145 -19.09 10.91 7.44
C PHE B 145 -19.62 11.63 6.22
N ILE B 146 -18.71 12.28 5.51
CA ILE B 146 -19.10 13.00 4.32
C ILE B 146 -18.36 12.49 3.09
N GLN B 147 -19.12 12.22 2.03
CA GLN B 147 -18.57 11.79 0.74
C GLN B 147 -19.10 12.79 -0.27
N ALA B 148 -18.27 13.77 -0.63
CA ALA B 148 -18.65 14.80 -1.60
C ALA B 148 -18.15 14.43 -2.99
N CYS B 149 -19.01 13.80 -3.77
CA CYS B 149 -18.70 13.36 -5.13
C CYS B 149 -19.22 14.34 -6.17
N GLY B 150 -18.44 15.35 -6.47
CA GLY B 150 -18.86 16.33 -7.47
C GLY B 150 -19.15 17.70 -6.90
N GLY B 151 -19.88 18.50 -7.66
CA GLY B 151 -20.21 19.84 -7.23
C GLY B 151 -19.56 20.90 -8.11
N SER B 195 -18.49 17.25 36.39
CA SER B 195 -17.77 18.46 35.93
C SER B 195 -18.20 18.91 34.53
N SER B 196 -17.42 19.81 33.92
CA SER B 196 -17.72 20.33 32.59
C SER B 196 -16.91 19.69 31.48
N LEU B 197 -17.29 20.00 30.25
CA LEU B 197 -16.61 19.45 29.08
C LEU B 197 -16.73 20.55 28.05
N PRO B 198 -15.76 20.66 27.14
CA PRO B 198 -15.79 21.70 26.11
C PRO B 198 -16.99 21.55 25.19
N THR B 199 -17.60 22.68 24.83
CA THR B 199 -18.76 22.70 23.95
C THR B 199 -18.60 21.88 22.66
N PRO B 200 -17.44 21.97 22.00
CA PRO B 200 -17.18 21.23 20.75
C PRO B 200 -16.51 19.86 20.91
N SER B 201 -16.55 19.32 22.13
CA SER B 201 -15.95 18.04 22.42
C SER B 201 -16.62 16.85 21.75
N ASP B 202 -15.82 15.81 21.54
CA ASP B 202 -16.28 14.57 20.96
C ASP B 202 -16.88 14.65 19.56
N ILE B 203 -16.35 15.56 18.77
CA ILE B 203 -16.77 15.76 17.39
C ILE B 203 -15.74 15.03 16.53
N PHE B 204 -16.21 14.23 15.57
CA PHE B 204 -15.29 13.54 14.67
C PHE B 204 -15.86 13.49 13.26
N VAL B 205 -15.12 14.07 12.31
CA VAL B 205 -15.54 14.13 10.91
C VAL B 205 -14.60 13.42 9.97
N SER B 206 -15.16 12.60 9.08
CA SER B 206 -14.36 11.92 8.08
C SER B 206 -14.86 12.57 6.81
N TYR B 207 -13.98 13.27 6.11
CA TYR B 207 -14.39 13.97 4.90
C TYR B 207 -13.68 13.45 3.66
N SER B 208 -14.48 12.97 2.72
CA SER B 208 -13.95 12.39 1.48
C SER B 208 -14.52 12.97 0.20
N THR B 209 -13.65 13.33 -0.74
CA THR B 209 -14.10 13.84 -2.03
C THR B 209 -13.36 13.00 -3.05
N PHE B 210 -13.17 11.72 -2.77
CA PHE B 210 -12.46 10.87 -3.69
C PHE B 210 -13.39 10.38 -4.78
N PRO B 211 -13.15 10.81 -6.02
CA PRO B 211 -14.00 10.37 -7.13
C PRO B 211 -13.47 8.98 -7.41
N GLY B 212 -14.14 8.20 -8.22
CA GLY B 212 -13.61 6.87 -8.46
C GLY B 212 -14.68 5.87 -8.15
N PHE B 213 -15.08 5.11 -9.17
CA PHE B 213 -16.13 4.12 -9.03
C PHE B 213 -15.49 2.77 -8.81
N VAL B 214 -16.27 1.78 -8.36
CA VAL B 214 -15.72 0.45 -8.13
C VAL B 214 -15.23 -0.13 -9.45
N SER B 215 -15.94 0.19 -10.53
CA SER B 215 -15.58 -0.23 -11.88
C SER B 215 -15.27 1.09 -12.54
N TRP B 216 -13.98 1.37 -12.73
CA TRP B 216 -13.55 2.65 -13.26
C TRP B 216 -14.20 3.25 -14.50
N ARG B 217 -14.72 2.42 -15.40
CA ARG B 217 -15.37 2.96 -16.60
C ARG B 217 -16.84 3.27 -16.36
N ASP B 218 -17.42 2.66 -15.33
CA ASP B 218 -18.86 2.81 -15.02
C ASP B 218 -19.23 3.74 -13.86
N PRO B 219 -19.55 5.01 -14.17
CA PRO B 219 -19.93 5.99 -13.15
C PRO B 219 -21.18 5.59 -12.38
N LYS B 220 -21.65 4.37 -12.58
CA LYS B 220 -22.84 3.93 -11.88
C LYS B 220 -22.60 2.68 -11.08
N SER B 221 -21.34 2.24 -11.00
CA SER B 221 -21.05 1.05 -10.23
C SER B 221 -20.88 1.37 -8.76
N GLY B 222 -20.89 2.65 -8.42
CA GLY B 222 -20.73 3.08 -7.05
C GLY B 222 -19.38 3.70 -6.71
N SER B 223 -19.24 4.21 -5.48
CA SER B 223 -17.99 4.83 -5.02
C SER B 223 -16.94 3.82 -4.54
N TRP B 224 -15.73 3.91 -5.10
CA TRP B 224 -14.63 3.01 -4.72
C TRP B 224 -14.28 3.29 -3.25
N TYR B 225 -14.58 4.50 -2.80
CA TYR B 225 -14.32 4.90 -1.44
C TYR B 225 -15.25 4.15 -0.48
N VAL B 226 -16.56 4.32 -0.66
CA VAL B 226 -17.52 3.66 0.22
C VAL B 226 -17.33 2.14 0.24
N GLU B 227 -17.07 1.56 -0.92
CA GLU B 227 -16.86 0.13 -1.02
C GLU B 227 -15.61 -0.27 -0.23
N THR B 228 -14.55 0.51 -0.36
CA THR B 228 -13.30 0.24 0.33
C THR B 228 -13.49 0.41 1.84
N LEU B 229 -14.14 1.49 2.24
CA LEU B 229 -14.41 1.73 3.64
C LEU B 229 -15.31 0.59 4.16
N ASP B 230 -16.40 0.33 3.47
CA ASP B 230 -17.31 -0.71 3.89
C ASP B 230 -16.59 -2.04 4.06
N ASP B 231 -15.71 -2.35 3.11
CA ASP B 231 -14.97 -3.59 3.13
C ASP B 231 -14.05 -3.66 4.33
N ILE B 232 -13.32 -2.57 4.57
CA ILE B 232 -12.38 -2.52 5.70
C ILE B 232 -13.11 -2.66 7.02
N PHE B 233 -14.23 -1.95 7.20
CA PHE B 233 -15.02 -2.06 8.43
C PHE B 233 -15.46 -3.52 8.61
N GLU B 234 -16.00 -4.11 7.55
CA GLU B 234 -16.45 -5.49 7.58
C GLU B 234 -15.35 -6.41 8.11
N GLN B 235 -14.11 -6.10 7.78
CA GLN B 235 -13.00 -6.92 8.22
C GLN B 235 -12.29 -6.55 9.51
N TRP B 236 -12.32 -5.30 9.93
CA TRP B 236 -11.60 -4.93 11.14
C TRP B 236 -12.34 -4.17 12.24
N ALA B 237 -13.57 -3.73 11.98
CA ALA B 237 -14.30 -3.00 13.01
C ALA B 237 -14.45 -3.81 14.29
N HIS B 238 -14.29 -5.13 14.19
CA HIS B 238 -14.42 -6.00 15.35
C HIS B 238 -13.21 -5.95 16.28
N SER B 239 -12.07 -5.52 15.75
CA SER B 239 -10.85 -5.49 16.55
C SER B 239 -10.04 -4.22 16.47
N GLU B 240 -10.47 -3.27 15.65
CA GLU B 240 -9.75 -2.02 15.48
C GLU B 240 -10.68 -0.82 15.63
N ASP B 241 -10.18 0.25 16.24
CA ASP B 241 -10.99 1.45 16.44
C ASP B 241 -11.18 2.33 15.20
N LEU B 242 -12.14 3.24 15.29
CA LEU B 242 -12.47 4.14 14.19
C LEU B 242 -11.26 4.75 13.49
N GLN B 243 -10.41 5.43 14.25
CA GLN B 243 -9.26 6.04 13.64
C GLN B 243 -8.37 5.03 12.94
N SER B 244 -8.24 3.83 13.49
CA SER B 244 -7.42 2.80 12.85
C SER B 244 -8.04 2.31 11.56
N LEU B 245 -9.36 2.19 11.54
CA LEU B 245 -10.05 1.75 10.34
C LEU B 245 -9.86 2.79 9.24
N LEU B 246 -10.12 4.04 9.57
CA LEU B 246 -9.99 5.13 8.62
C LEU B 246 -8.58 5.34 8.05
N LEU B 247 -7.55 4.88 8.77
CA LEU B 247 -6.19 4.99 8.27
C LEU B 247 -5.99 3.92 7.18
N ARG B 248 -6.57 2.74 7.40
CA ARG B 248 -6.48 1.68 6.43
C ARG B 248 -7.17 2.17 5.15
N VAL B 249 -8.26 2.89 5.33
CA VAL B 249 -9.01 3.41 4.19
C VAL B 249 -8.14 4.44 3.47
N ALA B 250 -7.65 5.41 4.24
CA ALA B 250 -6.80 6.45 3.70
C ALA B 250 -5.62 5.87 2.93
N ASN B 251 -5.02 4.80 3.45
CA ASN B 251 -3.88 4.19 2.79
C ASN B 251 -4.32 3.59 1.47
N ALA B 252 -5.37 2.77 1.51
CA ALA B 252 -5.91 2.12 0.32
C ALA B 252 -6.19 3.13 -0.79
N VAL B 253 -6.81 4.24 -0.41
CA VAL B 253 -7.15 5.29 -1.35
C VAL B 253 -5.91 5.87 -2.02
N SER B 254 -4.92 6.23 -1.21
CA SER B 254 -3.69 6.81 -1.74
C SER B 254 -3.03 5.85 -2.74
N VAL B 255 -3.03 4.57 -2.43
CA VAL B 255 -2.44 3.58 -3.33
C VAL B 255 -3.17 3.59 -4.67
N LYS B 256 -4.45 3.92 -4.66
CA LYS B 256 -5.24 3.96 -5.88
C LYS B 256 -5.05 5.23 -6.68
N GLY B 257 -4.73 6.32 -5.99
CA GLY B 257 -4.52 7.59 -6.66
C GLY B 257 -3.42 8.40 -6.00
N ILE B 258 -2.20 8.25 -6.50
CA ILE B 258 -1.03 8.97 -5.95
C ILE B 258 -1.35 10.41 -5.55
N TYR B 259 -1.49 11.28 -6.54
CA TYR B 259 -1.78 12.69 -6.32
C TYR B 259 -3.24 12.94 -5.93
N LYS B 260 -4.14 12.16 -6.53
CA LYS B 260 -5.58 12.27 -6.28
C LYS B 260 -5.88 12.62 -4.82
N GLN B 261 -6.97 13.35 -4.61
CA GLN B 261 -7.42 13.81 -3.28
C GLN B 261 -7.64 12.76 -2.19
N MET B 262 -6.81 12.80 -1.16
CA MET B 262 -6.88 11.87 -0.04
C MET B 262 -7.88 12.33 1.03
N PRO B 263 -8.63 11.38 1.62
CA PRO B 263 -9.62 11.69 2.66
C PRO B 263 -8.95 12.25 3.89
N GLY B 264 -9.67 13.07 4.63
CA GLY B 264 -9.11 13.64 5.84
C GLY B 264 -10.00 13.38 7.02
N CYS B 265 -9.43 13.51 8.21
CA CYS B 265 -10.17 13.31 9.43
C CYS B 265 -9.94 14.49 10.36
N PHE B 266 -11.03 15.16 10.70
CA PHE B 266 -11.00 16.28 11.63
C PHE B 266 -11.33 15.58 12.94
N ASN B 267 -10.29 15.20 13.68
CA ASN B 267 -10.43 14.46 14.93
C ASN B 267 -10.41 15.24 16.25
N PHE B 268 -11.56 15.39 16.89
CA PHE B 268 -11.64 16.08 18.17
C PHE B 268 -12.25 15.18 19.24
N LEU B 269 -11.91 13.90 19.18
CA LEU B 269 -12.41 12.94 20.15
C LEU B 269 -11.44 12.92 21.31
N ARG B 270 -11.85 12.33 22.43
CA ARG B 270 -11.01 12.25 23.61
C ARG B 270 -10.57 10.83 23.87
N LYS B 271 -11.25 9.87 23.28
CA LYS B 271 -10.93 8.46 23.49
C LYS B 271 -11.04 7.70 22.20
N LYS B 272 -10.56 6.46 22.20
CA LYS B 272 -10.68 5.61 21.03
C LYS B 272 -12.13 5.14 20.94
N LEU B 273 -12.57 4.80 19.74
CA LEU B 273 -13.94 4.35 19.53
C LEU B 273 -14.04 3.00 18.84
N PHE B 274 -14.36 1.98 19.64
CA PHE B 274 -14.50 0.62 19.14
C PHE B 274 -15.99 0.35 18.96
N PHE B 275 -16.40 0.21 17.70
CA PHE B 275 -17.78 -0.06 17.36
C PHE B 275 -18.27 -1.39 17.92
N LYS B 276 -19.56 -1.42 18.21
CA LYS B 276 -20.24 -2.60 18.72
C LYS B 276 -20.52 -3.45 17.48
N THR B 277 -20.08 -4.70 17.51
CA THR B 277 -20.29 -5.60 16.39
C THR B 277 -20.58 -7.00 16.92
N SER B 278 -21.18 -7.84 16.07
CA SER B 278 -21.51 -9.21 16.46
C SER B 278 -22.20 -9.22 17.81
N MET C 1 17.10 13.78 -8.26
CA MET C 1 15.64 14.12 -8.25
C MET C 1 14.98 13.73 -9.57
N GLY C 2 15.70 12.95 -10.37
CA GLY C 2 15.17 12.50 -11.64
C GLY C 2 14.08 11.46 -11.48
N ALA C 3 13.77 10.75 -12.55
CA ALA C 3 12.74 9.71 -12.52
C ALA C 3 13.16 8.52 -11.67
N LEU C 4 14.33 7.98 -11.96
CA LEU C 4 14.86 6.84 -11.23
C LEU C 4 14.95 7.16 -9.74
N GLU C 5 15.35 8.40 -9.45
CA GLU C 5 15.48 8.85 -8.06
C GLU C 5 14.12 8.80 -7.36
N SER C 6 13.15 9.50 -7.95
CA SER C 6 11.81 9.53 -7.39
C SER C 6 11.26 8.11 -7.27
N LEU C 7 11.73 7.24 -8.17
CA LEU C 7 11.30 5.84 -8.21
C LEU C 7 11.89 5.07 -7.06
N ARG C 8 13.22 5.13 -6.94
CA ARG C 8 13.90 4.44 -5.86
C ARG C 8 13.32 4.92 -4.53
N GLY C 9 12.89 6.18 -4.50
CA GLY C 9 12.36 6.76 -3.28
C GLY C 9 10.96 6.39 -2.84
N ASN C 10 10.08 6.16 -3.83
CA ASN C 10 8.69 5.80 -3.54
C ASN C 10 8.59 4.45 -2.81
N ALA C 11 8.24 4.52 -1.53
CA ALA C 11 8.12 3.33 -0.70
C ALA C 11 7.01 2.41 -1.17
N ASP C 12 6.09 2.94 -1.98
CA ASP C 12 4.99 2.14 -2.49
C ASP C 12 5.42 1.35 -3.72
N LEU C 13 6.42 1.86 -4.41
CA LEU C 13 6.89 1.20 -5.63
C LEU C 13 8.21 0.47 -5.46
N ALA C 14 8.88 0.72 -4.34
CA ALA C 14 10.15 0.07 -4.10
C ALA C 14 10.36 -0.32 -2.65
N TYR C 15 11.02 -1.45 -2.45
CA TYR C 15 11.32 -1.91 -1.11
C TYR C 15 12.39 -0.98 -0.61
N ILE C 16 12.17 -0.38 0.55
CA ILE C 16 13.13 0.55 1.12
C ILE C 16 14.21 -0.16 1.93
N LEU C 17 15.46 -0.08 1.46
CA LEU C 17 16.59 -0.69 2.15
C LEU C 17 17.40 0.41 2.80
N SER C 18 17.15 0.67 4.08
CA SER C 18 17.84 1.72 4.78
C SER C 18 18.77 1.23 5.90
N MET C 19 18.54 0.04 6.41
CA MET C 19 19.37 -0.47 7.49
C MET C 19 20.79 -0.83 7.08
N GLU C 20 21.67 -0.93 8.08
CA GLU C 20 23.05 -1.27 7.83
C GLU C 20 23.53 -2.14 8.97
N PRO C 21 23.91 -3.41 8.68
CA PRO C 21 23.87 -4.00 7.34
C PRO C 21 22.44 -4.30 6.86
N CYS C 22 22.36 -4.69 5.59
CA CYS C 22 21.10 -5.01 4.91
C CYS C 22 20.38 -6.24 5.47
N GLY C 23 21.13 -7.31 5.69
CA GLY C 23 20.54 -8.52 6.23
C GLY C 23 21.50 -9.68 6.08
N HIS C 24 20.99 -10.89 6.29
CA HIS C 24 21.82 -12.06 6.17
C HIS C 24 21.82 -12.60 4.76
N CYS C 25 22.93 -13.21 4.41
CA CYS C 25 23.09 -13.84 3.11
C CYS C 25 23.70 -15.18 3.47
N LEU C 26 23.06 -16.25 3.02
CA LEU C 26 23.58 -17.56 3.31
C LEU C 26 23.92 -18.24 2.00
N ILE C 27 25.17 -18.63 1.83
CA ILE C 27 25.54 -19.31 0.61
C ILE C 27 25.85 -20.77 0.89
N ILE C 28 25.13 -21.66 0.26
CA ILE C 28 25.41 -23.07 0.43
C ILE C 28 26.08 -23.52 -0.85
N ASN C 29 27.32 -23.98 -0.70
CA ASN C 29 28.12 -24.43 -1.84
C ASN C 29 28.57 -25.89 -1.71
N ASN C 30 27.84 -26.78 -2.36
CA ASN C 30 28.19 -28.20 -2.34
C ASN C 30 28.99 -28.51 -3.59
N VAL C 31 30.18 -29.07 -3.40
CA VAL C 31 31.04 -29.42 -4.53
C VAL C 31 31.42 -30.90 -4.56
N ASN C 32 31.68 -31.48 -3.39
CA ASN C 32 32.08 -32.87 -3.27
C ASN C 32 30.98 -33.80 -2.77
N PHE C 33 30.33 -34.49 -3.70
CA PHE C 33 29.23 -35.41 -3.39
C PHE C 33 29.73 -36.81 -3.08
N CYS C 34 28.90 -37.61 -2.43
CA CYS C 34 29.31 -38.96 -2.05
C CYS C 34 29.48 -39.91 -3.23
N ARG C 35 30.11 -41.05 -2.94
CA ARG C 35 30.37 -42.10 -3.92
C ARG C 35 29.07 -42.74 -4.36
N GLU C 36 28.27 -43.17 -3.41
CA GLU C 36 27.00 -43.82 -3.73
C GLU C 36 26.12 -42.92 -4.62
N SER C 37 26.41 -41.62 -4.59
CA SER C 37 25.67 -40.62 -5.38
C SER C 37 25.70 -40.80 -6.90
N GLY C 38 26.93 -40.80 -7.43
CA GLY C 38 27.10 -40.90 -8.87
C GLY C 38 27.15 -39.47 -9.38
N LEU C 39 27.01 -38.52 -8.45
CA LEU C 39 27.04 -37.09 -8.75
C LEU C 39 28.48 -36.65 -8.91
N ARG C 40 28.79 -35.91 -9.98
CA ARG C 40 30.14 -35.43 -10.23
C ARG C 40 30.60 -34.26 -9.33
N THR C 41 31.91 -34.13 -9.14
CA THR C 41 32.43 -33.04 -8.34
C THR C 41 32.19 -31.76 -9.14
N ARG C 42 31.49 -30.81 -8.54
CA ARG C 42 31.19 -29.55 -9.22
C ARG C 42 32.38 -28.60 -9.28
N THR C 43 33.41 -29.01 -10.03
CA THR C 43 34.62 -28.23 -10.19
C THR C 43 34.32 -26.83 -10.73
N GLY C 44 34.80 -25.82 -10.00
CA GLY C 44 34.60 -24.42 -10.37
C GLY C 44 33.60 -23.64 -9.53
N SER C 45 32.83 -24.33 -8.70
CA SER C 45 31.82 -23.70 -7.85
C SER C 45 32.43 -22.74 -6.86
N ASN C 46 33.66 -23.04 -6.48
CA ASN C 46 34.34 -22.21 -5.51
C ASN C 46 34.60 -20.81 -6.05
N ILE C 47 34.91 -20.68 -7.33
CA ILE C 47 35.14 -19.34 -7.86
C ILE C 47 33.78 -18.63 -7.85
N ASP C 48 32.72 -19.39 -8.13
CA ASP C 48 31.38 -18.83 -8.13
C ASP C 48 31.07 -18.41 -6.68
N CYS C 49 31.24 -19.36 -5.78
CA CYS C 49 30.97 -19.12 -4.37
C CYS C 49 31.59 -17.81 -3.86
N GLU C 50 32.88 -17.62 -4.12
CA GLU C 50 33.57 -16.43 -3.67
C GLU C 50 33.06 -15.16 -4.35
N LYS C 51 32.82 -15.22 -5.66
CA LYS C 51 32.31 -14.06 -6.37
C LYS C 51 31.07 -13.56 -5.65
N LEU C 52 30.15 -14.46 -5.36
CA LEU C 52 28.94 -14.11 -4.67
C LEU C 52 29.21 -13.65 -3.23
N ARG C 53 30.10 -14.32 -2.52
CA ARG C 53 30.42 -13.91 -1.16
C ARG C 53 30.80 -12.44 -1.22
N ARG C 54 31.76 -12.11 -2.09
CA ARG C 54 32.21 -10.73 -2.23
C ARG C 54 31.05 -9.82 -2.63
N ARG C 55 30.35 -10.23 -3.68
CA ARG C 55 29.22 -9.48 -4.22
C ARG C 55 28.17 -9.09 -3.21
N PHE C 56 27.67 -10.06 -2.43
CA PHE C 56 26.65 -9.75 -1.46
C PHE C 56 27.21 -8.97 -0.30
N SER C 57 28.52 -9.06 -0.13
CA SER C 57 29.17 -8.31 0.94
C SER C 57 29.11 -6.90 0.42
N SER C 58 29.44 -6.76 -0.87
CA SER C 58 29.43 -5.48 -1.54
C SER C 58 28.07 -4.80 -1.41
N LEU C 59 27.01 -5.60 -1.46
CA LEU C 59 25.65 -5.09 -1.37
C LEU C 59 25.14 -5.01 0.06
N HIS C 60 26.08 -4.89 0.99
CA HIS C 60 25.81 -4.74 2.43
C HIS C 60 25.14 -5.89 3.18
N PHE C 61 25.36 -7.11 2.76
CA PHE C 61 24.76 -8.23 3.48
C PHE C 61 25.82 -8.88 4.32
N MET C 62 25.39 -9.57 5.37
CA MET C 62 26.31 -10.29 6.22
C MET C 62 26.32 -11.68 5.61
N VAL C 63 27.33 -11.95 4.79
CA VAL C 63 27.46 -13.24 4.11
C VAL C 63 28.09 -14.35 4.95
N GLU C 64 27.53 -15.54 4.85
CA GLU C 64 28.03 -16.69 5.57
C GLU C 64 28.04 -17.85 4.58
N VAL C 65 29.21 -18.37 4.28
CA VAL C 65 29.32 -19.47 3.33
C VAL C 65 29.46 -20.81 4.04
N LYS C 66 28.67 -21.79 3.60
CA LYS C 66 28.74 -23.13 4.18
C LYS C 66 28.88 -24.13 3.04
N GLY C 67 29.99 -24.86 3.04
CA GLY C 67 30.23 -25.83 1.99
C GLY C 67 29.92 -27.28 2.30
N ASP C 68 29.76 -28.06 1.24
CA ASP C 68 29.46 -29.49 1.33
C ASP C 68 28.58 -29.89 2.51
N LEU C 69 27.28 -29.77 2.33
CA LEU C 69 26.31 -30.10 3.38
C LEU C 69 25.35 -31.19 2.94
N THR C 70 25.11 -32.16 3.81
CA THR C 70 24.18 -33.23 3.51
C THR C 70 22.80 -32.59 3.46
N ALA C 71 21.87 -33.20 2.76
CA ALA C 71 20.53 -32.64 2.67
C ALA C 71 20.06 -32.21 4.08
N LYS C 72 20.30 -33.07 5.05
CA LYS C 72 19.88 -32.79 6.43
C LYS C 72 20.49 -31.52 7.01
N LYS C 73 21.79 -31.32 6.80
CA LYS C 73 22.46 -30.13 7.31
C LYS C 73 21.97 -28.89 6.58
N MET C 74 21.64 -29.04 5.30
CA MET C 74 21.13 -27.92 4.53
C MET C 74 19.91 -27.39 5.25
N VAL C 75 18.90 -28.24 5.40
CA VAL C 75 17.68 -27.84 6.08
C VAL C 75 18.01 -27.23 7.44
N LEU C 76 18.93 -27.83 8.17
CA LEU C 76 19.30 -27.29 9.46
C LEU C 76 19.80 -25.87 9.33
N ALA C 77 20.76 -25.65 8.44
CA ALA C 77 21.31 -24.31 8.25
C ALA C 77 20.20 -23.34 7.92
N LEU C 78 19.32 -23.75 7.03
CA LEU C 78 18.22 -22.90 6.63
C LEU C 78 17.28 -22.64 7.80
N LEU C 79 17.01 -23.67 8.60
CA LEU C 79 16.11 -23.54 9.75
C LEU C 79 16.63 -22.55 10.77
N GLU C 80 17.94 -22.56 10.96
CA GLU C 80 18.59 -21.68 11.92
C GLU C 80 18.49 -20.23 11.43
N LEU C 81 18.75 -20.06 10.13
CA LEU C 81 18.70 -18.75 9.50
C LEU C 81 17.36 -18.07 9.74
N ALA C 82 16.28 -18.81 9.52
CA ALA C 82 14.95 -18.27 9.72
C ALA C 82 14.67 -18.09 11.21
N ARG C 83 15.27 -18.96 12.02
CA ARG C 83 15.08 -18.94 13.46
C ARG C 83 15.65 -17.67 14.05
N GLN C 84 16.39 -16.91 13.24
CA GLN C 84 16.98 -15.70 13.77
C GLN C 84 16.06 -14.49 13.77
N ASP C 85 16.55 -13.40 14.35
CA ASP C 85 15.79 -12.16 14.45
C ASP C 85 16.25 -11.16 13.41
N HIS C 86 15.47 -11.06 12.33
CA HIS C 86 15.79 -10.14 11.23
C HIS C 86 15.06 -8.81 11.44
N GLY C 87 14.68 -8.53 12.67
CA GLY C 87 13.97 -7.29 12.98
C GLY C 87 14.62 -6.01 12.52
N ALA C 88 15.94 -5.92 12.71
CA ALA C 88 16.68 -4.73 12.32
C ALA C 88 17.27 -4.90 10.92
N LEU C 89 16.70 -5.82 10.15
CA LEU C 89 17.17 -6.08 8.79
C LEU C 89 16.05 -5.82 7.80
N ASP C 90 16.42 -5.58 6.55
CA ASP C 90 15.45 -5.29 5.51
C ASP C 90 15.32 -6.34 4.41
N CYS C 91 16.26 -7.28 4.34
CA CYS C 91 16.21 -8.29 3.29
C CYS C 91 16.94 -9.58 3.70
N CYS C 92 16.70 -10.67 2.97
CA CYS C 92 17.36 -11.94 3.24
C CYS C 92 17.69 -12.65 1.94
N VAL C 93 18.95 -13.04 1.79
CA VAL C 93 19.40 -13.73 0.59
C VAL C 93 19.85 -15.14 0.88
N VAL C 94 19.44 -16.06 0.02
CA VAL C 94 19.85 -17.45 0.14
C VAL C 94 20.38 -17.88 -1.20
N VAL C 95 21.61 -18.36 -1.20
CA VAL C 95 22.23 -18.85 -2.42
C VAL C 95 22.54 -20.32 -2.27
N ILE C 96 22.26 -21.08 -3.32
CA ILE C 96 22.54 -22.50 -3.29
C ILE C 96 23.22 -22.95 -4.58
N LEU C 97 24.43 -23.46 -4.41
CA LEU C 97 25.24 -23.97 -5.53
C LEU C 97 25.32 -25.48 -5.36
N SER C 98 24.79 -26.23 -6.31
CA SER C 98 24.80 -27.69 -6.19
C SER C 98 24.06 -28.35 -7.36
N HIS C 99 23.99 -29.69 -7.32
CA HIS C 99 23.30 -30.44 -8.36
C HIS C 99 21.83 -30.30 -8.01
N GLY C 100 20.96 -30.59 -8.97
CA GLY C 100 19.54 -30.46 -8.70
C GLY C 100 18.73 -31.22 -9.72
N CYS C 101 17.41 -31.12 -9.63
CA CYS C 101 16.56 -31.82 -10.58
C CYS C 101 15.10 -31.46 -10.36
N GLN C 102 14.22 -32.09 -11.13
CA GLN C 102 12.78 -31.85 -11.02
C GLN C 102 12.21 -32.56 -9.79
N ALA C 103 11.20 -31.95 -9.19
CA ALA C 103 10.56 -32.50 -8.02
C ALA C 103 9.12 -32.08 -8.17
N SER C 104 8.19 -32.95 -7.78
CA SER C 104 6.79 -32.59 -7.86
C SER C 104 6.60 -31.40 -6.92
N HIS C 105 5.95 -30.36 -7.41
CA HIS C 105 5.75 -29.17 -6.60
C HIS C 105 4.38 -28.56 -6.80
N LEU C 106 4.01 -27.66 -5.89
CA LEU C 106 2.72 -26.96 -5.92
C LEU C 106 2.92 -25.53 -6.39
N GLN C 107 4.01 -24.90 -5.96
CA GLN C 107 4.26 -23.51 -6.33
C GLN C 107 5.67 -23.26 -6.88
N PHE C 108 6.66 -23.95 -6.32
CA PHE C 108 8.04 -23.77 -6.76
C PHE C 108 8.73 -25.01 -7.29
N PRO C 109 9.02 -25.02 -8.59
CA PRO C 109 9.67 -26.14 -9.25
C PRO C 109 11.07 -26.45 -8.76
N GLY C 110 11.55 -27.64 -9.14
CA GLY C 110 12.88 -28.10 -8.82
C GLY C 110 13.25 -28.47 -7.39
N ALA C 111 14.43 -29.07 -7.28
CA ALA C 111 14.98 -29.50 -6.00
C ALA C 111 16.51 -29.46 -6.08
N VAL C 112 17.14 -29.54 -4.92
CA VAL C 112 18.60 -29.49 -4.84
C VAL C 112 19.17 -30.61 -3.98
N TYR C 113 20.26 -31.21 -4.45
CA TYR C 113 20.89 -32.31 -3.74
C TYR C 113 21.86 -31.94 -2.63
N GLY C 114 21.71 -32.63 -1.50
CA GLY C 114 22.62 -32.41 -0.41
C GLY C 114 23.85 -33.21 -0.81
N THR C 115 24.98 -32.98 -0.13
CA THR C 115 26.21 -33.68 -0.46
C THR C 115 26.01 -35.20 -0.33
N ASP C 116 25.10 -35.59 0.55
CA ASP C 116 24.80 -36.99 0.79
C ASP C 116 23.99 -37.63 -0.34
N GLY C 117 23.69 -36.88 -1.39
CA GLY C 117 22.92 -37.45 -2.50
C GLY C 117 21.41 -37.37 -2.33
N CYS C 118 20.97 -36.91 -1.16
CA CYS C 118 19.54 -36.78 -0.88
C CYS C 118 19.02 -35.40 -1.33
N PRO C 119 17.79 -35.36 -1.85
CA PRO C 119 17.19 -34.11 -2.33
C PRO C 119 16.44 -33.24 -1.31
N VAL C 120 16.46 -31.93 -1.58
CA VAL C 120 15.78 -30.92 -0.77
C VAL C 120 15.02 -30.10 -1.79
N SER C 121 13.71 -30.00 -1.64
CA SER C 121 12.92 -29.25 -2.61
C SER C 121 13.03 -27.74 -2.40
N VAL C 122 13.10 -27.00 -3.50
CA VAL C 122 13.18 -25.55 -3.46
C VAL C 122 11.96 -25.01 -2.73
N GLU C 123 10.82 -25.63 -2.99
CA GLU C 123 9.59 -25.23 -2.36
C GLU C 123 9.65 -25.38 -0.86
N LYS C 124 10.40 -26.36 -0.38
CA LYS C 124 10.51 -26.56 1.07
C LYS C 124 11.38 -25.46 1.63
N ILE C 125 12.48 -25.20 0.94
CA ILE C 125 13.44 -24.17 1.34
C ILE C 125 12.80 -22.78 1.43
N VAL C 126 12.02 -22.43 0.42
CA VAL C 126 11.36 -21.13 0.40
C VAL C 126 10.38 -21.04 1.56
N ASN C 127 9.63 -22.11 1.78
CA ASN C 127 8.64 -22.14 2.84
C ASN C 127 9.26 -22.07 4.24
N ILE C 128 10.52 -22.47 4.38
CA ILE C 128 11.13 -22.37 5.69
C ILE C 128 11.06 -20.91 6.13
N PHE C 129 10.95 -20.02 5.15
CA PHE C 129 10.92 -18.59 5.42
C PHE C 129 9.54 -17.94 5.30
N ASN C 130 8.49 -18.71 5.57
CA ASN C 130 7.11 -18.24 5.52
C ASN C 130 6.87 -17.24 6.66
N GLY C 131 5.75 -16.54 6.60
CA GLY C 131 5.43 -15.55 7.63
C GLY C 131 5.28 -16.06 9.05
N THR C 132 4.78 -17.28 9.19
CA THR C 132 4.58 -17.90 10.49
C THR C 132 5.92 -18.36 11.04
N SER C 133 6.68 -19.07 10.21
CA SER C 133 7.96 -19.61 10.62
C SER C 133 8.98 -18.51 10.92
N CYS C 134 8.94 -17.41 10.16
CA CYS C 134 9.89 -16.31 10.37
C CYS C 134 9.23 -14.93 10.25
N PRO C 135 8.39 -14.57 11.24
CA PRO C 135 7.70 -13.27 11.24
C PRO C 135 8.64 -12.08 11.14
N SER C 136 9.89 -12.31 11.52
CA SER C 136 10.92 -11.25 11.51
C SER C 136 11.17 -10.71 10.10
N LEU C 137 10.77 -11.47 9.08
CA LEU C 137 10.97 -11.06 7.70
C LEU C 137 9.63 -10.79 7.02
N GLY C 138 8.57 -10.71 7.83
CA GLY C 138 7.26 -10.44 7.29
C GLY C 138 7.24 -9.16 6.47
N GLY C 139 6.67 -9.23 5.28
CA GLY C 139 6.63 -8.04 4.43
C GLY C 139 7.98 -7.67 3.80
N LYS C 140 9.07 -8.28 4.26
CA LYS C 140 10.39 -7.99 3.72
C LYS C 140 10.77 -8.97 2.59
N PRO C 141 11.58 -8.54 1.61
CA PRO C 141 11.95 -9.44 0.53
C PRO C 141 12.92 -10.58 0.88
N LYS C 142 12.52 -11.80 0.53
CA LYS C 142 13.31 -13.00 0.75
C LYS C 142 13.76 -13.46 -0.64
N LEU C 143 15.07 -13.41 -0.86
CA LEU C 143 15.64 -13.76 -2.16
C LEU C 143 16.36 -15.10 -2.23
N PHE C 144 16.08 -15.86 -3.28
CA PHE C 144 16.72 -17.17 -3.44
C PHE C 144 17.34 -17.32 -4.82
N PHE C 145 18.65 -17.52 -4.86
CA PHE C 145 19.31 -17.70 -6.13
C PHE C 145 19.68 -19.17 -6.22
N ILE C 146 19.19 -19.84 -7.24
CA ILE C 146 19.44 -21.25 -7.38
C ILE C 146 20.21 -21.66 -8.62
N GLN C 147 21.43 -22.13 -8.36
CA GLN C 147 22.36 -22.60 -9.39
C GLN C 147 22.46 -24.13 -9.34
N ALA C 148 21.54 -24.79 -10.03
CA ALA C 148 21.52 -26.26 -10.06
C ALA C 148 20.76 -26.70 -11.28
N CYS C 149 20.99 -27.93 -11.73
CA CYS C 149 20.26 -28.41 -12.88
C CYS C 149 18.77 -28.36 -12.53
N GLY C 150 17.97 -27.85 -13.45
CA GLY C 150 16.56 -27.77 -13.19
C GLY C 150 15.95 -29.06 -13.67
N GLY C 151 16.76 -29.84 -14.38
CA GLY C 151 16.31 -31.10 -14.93
C GLY C 151 17.36 -31.82 -15.74
N GLU C 152 16.95 -32.89 -16.43
CA GLU C 152 17.85 -33.71 -17.22
C GLU C 152 18.04 -33.31 -18.69
N GLN C 153 17.01 -32.73 -19.30
CA GLN C 153 17.10 -32.39 -20.71
C GLN C 153 18.13 -31.36 -21.16
N LYS C 154 18.93 -31.75 -22.16
CA LYS C 154 19.94 -30.87 -22.72
C LYS C 154 19.28 -30.19 -23.90
N ASP C 155 19.02 -28.90 -23.75
CA ASP C 155 18.33 -28.06 -24.74
C ASP C 155 19.17 -27.63 -25.96
N HIS C 156 18.75 -28.07 -27.15
CA HIS C 156 19.45 -27.73 -28.40
C HIS C 156 19.04 -26.36 -28.92
N GLY C 157 17.83 -25.95 -28.58
CA GLY C 157 17.31 -24.66 -29.01
C GLY C 157 16.87 -24.62 -30.46
N PHE C 158 16.82 -23.42 -31.03
CA PHE C 158 16.44 -23.24 -32.42
C PHE C 158 17.07 -21.98 -33.00
N GLU C 159 17.34 -22.01 -34.30
CA GLU C 159 17.95 -20.88 -34.99
C GLU C 159 16.94 -19.74 -35.15
N VAL C 160 17.41 -18.52 -35.00
CA VAL C 160 16.56 -17.34 -35.14
C VAL C 160 17.19 -16.32 -36.08
N LEU C 197 -2.33 -18.97 6.33
CA LEU C 197 -2.22 -19.88 5.14
C LEU C 197 -0.84 -19.79 4.51
N PRO C 198 -0.23 -20.94 4.19
CA PRO C 198 1.10 -21.01 3.58
C PRO C 198 1.13 -20.43 2.17
N THR C 199 1.27 -19.11 2.07
CA THR C 199 1.32 -18.45 0.78
C THR C 199 2.59 -17.62 0.64
N PRO C 200 3.24 -17.68 -0.55
CA PRO C 200 4.46 -16.93 -0.83
C PRO C 200 4.23 -15.43 -0.71
N SER C 201 5.17 -14.73 -0.09
CA SER C 201 5.03 -13.29 0.06
C SER C 201 6.38 -12.63 0.11
N ASP C 202 6.60 -11.71 -0.83
CA ASP C 202 7.88 -11.03 -0.88
C ASP C 202 8.91 -12.13 -1.06
N ILE C 203 8.53 -13.14 -1.85
CA ILE C 203 9.43 -14.23 -2.16
C ILE C 203 9.88 -14.02 -3.59
N PHE C 204 11.16 -14.28 -3.85
CA PHE C 204 11.70 -14.14 -5.18
C PHE C 204 12.75 -15.21 -5.40
N VAL C 205 12.46 -16.12 -6.32
CA VAL C 205 13.37 -17.21 -6.60
C VAL C 205 13.97 -17.15 -8.00
N SER C 206 15.23 -16.74 -8.08
CA SER C 206 15.90 -16.68 -9.36
C SER C 206 16.51 -18.02 -9.75
N TYR C 207 16.05 -18.57 -10.87
CA TYR C 207 16.54 -19.85 -11.38
C TYR C 207 17.59 -19.71 -12.47
N SER C 208 18.67 -20.47 -12.33
CA SER C 208 19.73 -20.46 -13.33
C SER C 208 19.21 -21.01 -14.66
N THR C 209 18.35 -22.03 -14.58
CA THR C 209 17.80 -22.65 -15.77
C THR C 209 16.29 -22.95 -15.67
N PHE C 210 15.62 -23.02 -16.81
CA PHE C 210 14.18 -23.31 -16.91
C PHE C 210 13.92 -24.70 -16.30
N PRO C 211 12.82 -24.85 -15.54
CA PRO C 211 12.50 -26.14 -14.91
C PRO C 211 12.53 -27.31 -15.88
N GLY C 212 13.28 -28.35 -15.52
CA GLY C 212 13.36 -29.53 -16.37
C GLY C 212 14.60 -29.61 -17.23
N PHE C 213 15.28 -28.49 -17.42
CA PHE C 213 16.47 -28.48 -18.26
C PHE C 213 17.78 -28.58 -17.50
N VAL C 214 18.86 -28.62 -18.26
CA VAL C 214 20.20 -28.74 -17.72
C VAL C 214 20.88 -27.38 -17.60
N SER C 215 21.60 -27.20 -16.50
CA SER C 215 22.34 -25.96 -16.22
C SER C 215 23.80 -26.20 -16.58
N TRP C 216 24.41 -25.29 -17.34
CA TRP C 216 25.81 -25.49 -17.74
C TRP C 216 26.86 -24.82 -16.87
N ARG C 217 27.99 -25.49 -16.73
CA ARG C 217 29.10 -25.01 -15.89
C ARG C 217 30.46 -25.23 -16.58
N ASP C 218 31.46 -24.44 -16.18
CA ASP C 218 32.80 -24.54 -16.74
C ASP C 218 33.74 -24.83 -15.56
N PRO C 219 34.65 -25.82 -15.71
CA PRO C 219 35.60 -26.19 -14.65
C PRO C 219 36.52 -25.09 -14.15
N LYS C 220 36.83 -24.12 -15.01
CA LYS C 220 37.73 -23.04 -14.62
C LYS C 220 37.07 -21.66 -14.60
N SER C 221 35.94 -21.53 -15.29
CA SER C 221 35.24 -20.24 -15.37
C SER C 221 33.93 -20.16 -14.57
N GLY C 222 33.54 -21.28 -13.96
CA GLY C 222 32.31 -21.32 -13.19
C GLY C 222 31.05 -21.46 -14.03
N SER C 223 29.91 -21.52 -13.35
CA SER C 223 28.63 -21.67 -14.03
C SER C 223 28.28 -20.41 -14.82
N TRP C 224 27.80 -20.61 -16.05
CA TRP C 224 27.39 -19.49 -16.88
C TRP C 224 26.65 -18.41 -16.06
N TYR C 225 25.53 -18.84 -15.49
CA TYR C 225 24.64 -18.02 -14.68
C TYR C 225 25.32 -17.14 -13.64
N VAL C 226 26.06 -17.76 -12.72
CA VAL C 226 26.72 -17.00 -11.69
C VAL C 226 27.72 -16.03 -12.24
N GLU C 227 28.55 -16.49 -13.19
CA GLU C 227 29.55 -15.60 -13.78
C GLU C 227 28.88 -14.41 -14.42
N THR C 228 27.79 -14.68 -15.12
CA THR C 228 27.04 -13.63 -15.78
C THR C 228 26.42 -12.67 -14.75
N LEU C 229 25.72 -13.23 -13.78
CA LEU C 229 25.07 -12.44 -12.76
C LEU C 229 26.03 -11.51 -12.05
N ASP C 230 27.17 -12.04 -11.60
CA ASP C 230 28.14 -11.22 -10.88
C ASP C 230 28.68 -10.13 -11.77
N ASP C 231 28.82 -10.44 -13.04
CA ASP C 231 29.30 -9.45 -13.99
C ASP C 231 28.25 -8.35 -14.09
N ILE C 232 27.01 -8.74 -14.36
CA ILE C 232 25.90 -7.80 -14.49
C ILE C 232 25.68 -6.95 -13.23
N PHE C 233 25.66 -7.60 -12.06
CA PHE C 233 25.48 -6.91 -10.79
C PHE C 233 26.59 -5.88 -10.63
N GLU C 234 27.78 -6.23 -11.13
CA GLU C 234 28.91 -5.34 -11.09
C GLU C 234 28.53 -4.06 -11.82
N GLN C 235 28.30 -4.19 -13.12
CA GLN C 235 27.96 -3.06 -13.95
C GLN C 235 26.65 -2.31 -13.65
N TRP C 236 25.63 -2.99 -13.12
CA TRP C 236 24.37 -2.28 -12.90
C TRP C 236 23.66 -2.24 -11.54
N ALA C 237 24.10 -3.03 -10.56
CA ALA C 237 23.44 -3.00 -9.25
C ALA C 237 23.34 -1.57 -8.75
N HIS C 238 24.22 -0.72 -9.25
CA HIS C 238 24.27 0.68 -8.89
C HIS C 238 23.06 1.47 -9.37
N SER C 239 22.48 1.10 -10.51
CA SER C 239 21.36 1.85 -11.03
C SER C 239 20.14 1.06 -11.47
N GLU C 240 20.13 -0.24 -11.21
CA GLU C 240 18.98 -1.05 -11.63
C GLU C 240 18.44 -2.01 -10.58
N ASP C 241 17.12 -2.20 -10.60
CA ASP C 241 16.44 -3.08 -9.65
C ASP C 241 16.74 -4.55 -9.92
N LEU C 242 16.57 -5.39 -8.91
CA LEU C 242 16.84 -6.83 -8.98
C LEU C 242 16.28 -7.55 -10.21
N GLN C 243 14.99 -7.42 -10.43
CA GLN C 243 14.36 -8.04 -11.58
C GLN C 243 15.05 -7.58 -12.89
N SER C 244 15.20 -6.27 -13.06
CA SER C 244 15.85 -5.73 -14.27
C SER C 244 17.25 -6.32 -14.52
N LEU C 245 18.00 -6.49 -13.44
CA LEU C 245 19.34 -7.07 -13.54
C LEU C 245 19.26 -8.48 -14.14
N LEU C 246 18.34 -9.28 -13.61
CA LEU C 246 18.18 -10.65 -14.07
C LEU C 246 17.72 -10.81 -15.52
N LEU C 247 17.04 -9.81 -16.08
CA LEU C 247 16.64 -9.91 -17.49
C LEU C 247 17.95 -9.87 -18.28
N ARG C 248 18.80 -8.91 -17.93
CA ARG C 248 20.10 -8.79 -18.55
C ARG C 248 20.78 -10.15 -18.48
N VAL C 249 20.88 -10.69 -17.27
CA VAL C 249 21.49 -12.00 -17.03
C VAL C 249 20.88 -13.05 -17.95
N ALA C 250 19.55 -13.13 -17.94
CA ALA C 250 18.82 -14.07 -18.77
C ALA C 250 19.13 -13.86 -20.24
N ASN C 251 19.10 -12.61 -20.68
CA ASN C 251 19.36 -12.33 -22.07
C ASN C 251 20.78 -12.76 -22.45
N ALA C 252 21.77 -12.41 -21.61
CA ALA C 252 23.15 -12.77 -21.89
C ALA C 252 23.33 -14.28 -22.08
N VAL C 253 23.06 -15.05 -21.02
CA VAL C 253 23.18 -16.50 -21.01
C VAL C 253 22.46 -17.16 -22.17
N SER C 254 21.31 -16.61 -22.57
CA SER C 254 20.52 -17.20 -23.64
C SER C 254 21.18 -17.29 -25.00
N VAL C 255 22.30 -16.59 -25.18
CA VAL C 255 22.99 -16.62 -26.46
C VAL C 255 24.22 -17.51 -26.37
N LYS C 256 24.45 -18.10 -25.21
CA LYS C 256 25.63 -18.94 -25.01
C LYS C 256 25.64 -20.35 -25.60
N GLY C 257 26.80 -20.99 -25.38
CA GLY C 257 27.13 -22.35 -25.78
C GLY C 257 26.43 -23.04 -26.92
N ILE C 258 26.82 -24.30 -27.14
CA ILE C 258 26.20 -25.09 -28.20
C ILE C 258 24.84 -25.43 -27.64
N TYR C 259 24.82 -25.72 -26.34
CA TYR C 259 23.58 -26.04 -25.67
C TYR C 259 22.99 -24.79 -25.02
N LYS C 260 21.66 -24.72 -25.03
CA LYS C 260 20.96 -23.56 -24.49
C LYS C 260 20.55 -23.67 -23.04
N GLN C 261 20.37 -22.51 -22.41
CA GLN C 261 19.97 -22.40 -21.02
C GLN C 261 19.14 -21.12 -20.92
N MET C 262 17.95 -21.22 -20.33
CA MET C 262 17.06 -20.06 -20.22
C MET C 262 16.70 -19.67 -18.79
N PRO C 263 17.55 -18.85 -18.14
CA PRO C 263 17.35 -18.39 -16.77
C PRO C 263 15.98 -17.72 -16.59
N GLY C 264 15.46 -17.77 -15.37
CA GLY C 264 14.19 -17.14 -15.11
C GLY C 264 13.91 -17.17 -13.63
N CYS C 265 12.81 -16.56 -13.21
CA CYS C 265 12.52 -16.56 -11.78
C CYS C 265 11.05 -16.49 -11.41
N PHE C 266 10.76 -16.98 -10.21
CA PHE C 266 9.41 -16.98 -9.68
C PHE C 266 9.32 -15.78 -8.74
N ASN C 267 8.72 -14.73 -9.29
CA ASN C 267 8.57 -13.45 -8.64
C ASN C 267 7.28 -13.22 -7.87
N PHE C 268 7.37 -13.22 -6.55
CA PHE C 268 6.20 -12.97 -5.71
C PHE C 268 6.44 -11.68 -4.92
N LEU C 269 7.21 -10.76 -5.51
CA LEU C 269 7.52 -9.49 -4.86
C LEU C 269 6.39 -8.49 -5.09
N ARG C 270 6.34 -7.46 -4.26
CA ARG C 270 5.30 -6.45 -4.36
C ARG C 270 5.85 -5.14 -4.90
N LYS C 271 7.17 -4.99 -4.86
CA LYS C 271 7.80 -3.76 -5.31
C LYS C 271 9.14 -4.05 -5.98
N LYS C 272 9.74 -3.01 -6.56
CA LYS C 272 11.04 -3.18 -7.19
C LYS C 272 12.05 -3.22 -6.05
N LEU C 273 13.23 -3.80 -6.31
CA LEU C 273 14.28 -3.89 -5.30
C LEU C 273 15.62 -3.37 -5.79
N PHE C 274 16.09 -2.32 -5.13
CA PHE C 274 17.38 -1.70 -5.45
C PHE C 274 18.28 -1.98 -4.26
N PHE C 275 19.37 -2.69 -4.53
CA PHE C 275 20.32 -3.03 -3.49
C PHE C 275 21.08 -1.80 -3.00
N LYS C 276 21.62 -1.90 -1.80
CA LYS C 276 22.41 -0.82 -1.24
C LYS C 276 23.78 -1.05 -1.87
N THR C 277 24.25 -0.08 -2.64
CA THR C 277 25.53 -0.21 -3.28
C THR C 277 26.65 0.56 -2.58
N SER C 278 27.82 -0.06 -2.52
CA SER C 278 28.99 0.54 -1.89
C SER C 278 30.20 -0.25 -2.38
N ASN D 10 17.40 0.51 -25.53
CA ASN D 10 18.60 0.38 -26.41
C ASN D 10 19.49 -0.78 -25.95
N ALA D 11 20.48 -1.12 -26.76
CA ALA D 11 21.40 -2.20 -26.45
C ALA D 11 20.62 -3.50 -26.21
N ASP D 12 19.47 -3.61 -26.88
CA ASP D 12 18.60 -4.79 -26.77
C ASP D 12 18.14 -5.01 -25.33
N LEU D 13 17.51 -3.99 -24.74
CA LEU D 13 17.01 -4.08 -23.38
C LEU D 13 15.49 -4.19 -23.37
N ALA D 14 14.88 -4.16 -24.55
CA ALA D 14 13.43 -4.25 -24.61
C ALA D 14 12.93 -4.86 -25.92
N TYR D 15 11.86 -5.64 -25.85
CA TYR D 15 11.30 -6.26 -27.05
C TYR D 15 10.75 -5.16 -27.97
N ILE D 16 10.96 -5.33 -29.27
CA ILE D 16 10.48 -4.37 -30.24
C ILE D 16 9.05 -4.72 -30.65
N LEU D 17 8.13 -3.80 -30.39
CA LEU D 17 6.73 -3.99 -30.75
C LEU D 17 6.38 -2.94 -31.77
N SER D 18 6.93 -3.11 -32.97
CA SER D 18 6.68 -2.17 -34.05
C SER D 18 5.40 -2.46 -34.79
N MET D 19 5.24 -3.71 -35.23
CA MET D 19 4.07 -4.14 -35.98
C MET D 19 2.70 -3.67 -35.46
N GLU D 20 1.74 -3.62 -36.38
CA GLU D 20 0.39 -3.19 -36.09
C GLU D 20 -0.56 -3.97 -36.98
N PRO D 21 -1.40 -4.85 -36.40
CA PRO D 21 -1.53 -5.17 -34.98
C PRO D 21 -0.29 -5.77 -34.34
N CYS D 22 -0.24 -5.71 -33.02
CA CYS D 22 0.88 -6.24 -32.25
C CYS D 22 0.93 -7.76 -32.23
N GLY D 23 -0.23 -8.41 -32.26
CA GLY D 23 -0.23 -9.86 -32.25
C GLY D 23 -1.61 -10.44 -32.01
N HIS D 24 -1.65 -11.74 -31.77
CA HIS D 24 -2.92 -12.42 -31.52
C HIS D 24 -3.09 -12.60 -30.02
N CYS D 25 -4.35 -12.58 -29.57
CA CYS D 25 -4.65 -12.76 -28.15
C CYS D 25 -5.90 -13.60 -28.02
N LEU D 26 -5.77 -14.72 -27.32
CA LEU D 26 -6.91 -15.61 -27.09
C LEU D 26 -7.35 -15.55 -25.63
N ILE D 27 -8.65 -15.41 -25.42
CA ILE D 27 -9.23 -15.36 -24.08
C ILE D 27 -10.17 -16.55 -23.88
N ILE D 28 -9.77 -17.52 -23.07
CA ILE D 28 -10.63 -18.67 -22.79
C ILE D 28 -11.49 -18.28 -21.60
N ASN D 29 -12.80 -18.13 -21.80
CA ASN D 29 -13.68 -17.75 -20.72
C ASN D 29 -14.63 -18.86 -20.29
N ASN D 30 -14.27 -19.60 -19.26
CA ASN D 30 -15.12 -20.69 -18.77
C ASN D 30 -16.07 -20.23 -17.67
N VAL D 31 -17.38 -20.31 -17.94
CA VAL D 31 -18.38 -19.88 -16.98
C VAL D 31 -19.29 -21.00 -16.49
N ASN D 32 -19.70 -21.88 -17.40
CA ASN D 32 -20.62 -22.95 -17.08
C ASN D 32 -19.99 -24.33 -17.09
N PHE D 33 -20.10 -25.02 -15.96
CA PHE D 33 -19.52 -26.34 -15.82
C PHE D 33 -20.56 -27.41 -15.67
N CYS D 34 -20.21 -28.62 -16.10
CA CYS D 34 -21.13 -29.75 -16.03
C CYS D 34 -21.34 -30.17 -14.58
N ARG D 35 -22.45 -30.86 -14.32
CA ARG D 35 -22.79 -31.32 -12.98
C ARG D 35 -21.88 -32.41 -12.42
N GLU D 36 -21.40 -33.30 -13.28
CA GLU D 36 -20.53 -34.38 -12.83
C GLU D 36 -19.32 -33.86 -12.06
N SER D 37 -18.91 -32.64 -12.41
CA SER D 37 -17.76 -31.99 -11.80
C SER D 37 -18.08 -31.31 -10.47
N GLY D 38 -19.25 -30.69 -10.39
CA GLY D 38 -19.62 -30.00 -9.17
C GLY D 38 -19.01 -28.62 -9.05
N LEU D 39 -18.40 -28.16 -10.14
CA LEU D 39 -17.79 -26.84 -10.14
C LEU D 39 -18.90 -25.80 -10.35
N ARG D 40 -19.00 -24.86 -9.41
CA ARG D 40 -20.02 -23.81 -9.47
C ARG D 40 -19.88 -22.89 -10.68
N THR D 41 -21.01 -22.36 -11.14
CA THR D 41 -21.01 -21.44 -12.27
C THR D 41 -20.20 -20.21 -11.90
N ARG D 42 -19.32 -19.80 -12.79
CA ARG D 42 -18.50 -18.62 -12.54
C ARG D 42 -19.16 -17.38 -13.12
N THR D 43 -20.30 -17.01 -12.53
CA THR D 43 -21.03 -15.81 -12.94
C THR D 43 -20.17 -14.62 -12.51
N GLY D 44 -20.08 -13.62 -13.37
CA GLY D 44 -19.28 -12.45 -13.08
C GLY D 44 -18.04 -12.46 -13.96
N SER D 45 -17.69 -13.64 -14.45
CA SER D 45 -16.54 -13.80 -15.32
C SER D 45 -16.74 -13.12 -16.65
N ASN D 46 -17.99 -12.94 -17.07
CA ASN D 46 -18.25 -12.26 -18.33
C ASN D 46 -17.79 -10.81 -18.17
N ILE D 47 -18.03 -10.24 -16.99
CA ILE D 47 -17.60 -8.88 -16.71
C ILE D 47 -16.07 -8.88 -16.91
N ASP D 48 -15.42 -9.85 -16.29
CA ASP D 48 -13.96 -10.01 -16.36
C ASP D 48 -13.47 -10.12 -17.80
N CYS D 49 -14.14 -10.97 -18.57
CA CYS D 49 -13.77 -11.19 -19.95
C CYS D 49 -13.90 -9.91 -20.74
N GLU D 50 -15.03 -9.23 -20.57
CA GLU D 50 -15.23 -8.02 -21.32
C GLU D 50 -14.16 -6.98 -21.01
N LYS D 51 -13.77 -6.89 -19.75
CA LYS D 51 -12.75 -5.93 -19.36
C LYS D 51 -11.46 -6.23 -20.10
N LEU D 52 -11.04 -7.49 -20.04
CA LEU D 52 -9.81 -7.92 -20.67
C LEU D 52 -9.81 -7.84 -22.19
N ARG D 53 -10.90 -8.26 -22.82
CA ARG D 53 -11.02 -8.21 -24.27
C ARG D 53 -10.85 -6.76 -24.70
N ARG D 54 -11.57 -5.87 -24.03
CA ARG D 54 -11.53 -4.45 -24.29
C ARG D 54 -10.13 -3.91 -24.03
N ARG D 55 -9.50 -4.44 -22.99
CA ARG D 55 -8.14 -4.04 -22.58
C ARG D 55 -7.06 -4.41 -23.59
N PHE D 56 -6.89 -5.70 -23.85
CA PHE D 56 -5.87 -6.14 -24.78
C PHE D 56 -6.12 -5.61 -26.19
N SER D 57 -7.35 -5.15 -26.41
CA SER D 57 -7.68 -4.60 -27.71
C SER D 57 -6.97 -3.24 -27.78
N SER D 58 -6.98 -2.49 -26.68
CA SER D 58 -6.32 -1.18 -26.60
C SER D 58 -4.82 -1.37 -26.75
N LEU D 59 -4.33 -2.55 -26.37
CA LEU D 59 -2.92 -2.84 -26.46
C LEU D 59 -2.55 -3.27 -27.87
N HIS D 60 -3.49 -3.07 -28.79
CA HIS D 60 -3.31 -3.38 -30.21
C HIS D 60 -3.21 -4.86 -30.56
N PHE D 61 -4.07 -5.69 -30.00
CA PHE D 61 -4.04 -7.11 -30.31
C PHE D 61 -5.33 -7.54 -30.99
N MET D 62 -5.26 -8.62 -31.75
CA MET D 62 -6.43 -9.14 -32.43
C MET D 62 -6.98 -10.16 -31.45
N VAL D 63 -7.86 -9.70 -30.58
CA VAL D 63 -8.44 -10.54 -29.55
C VAL D 63 -9.59 -11.43 -30.01
N GLU D 64 -9.53 -12.67 -29.57
CA GLU D 64 -10.56 -13.64 -29.89
C GLU D 64 -10.98 -14.30 -28.57
N VAL D 65 -12.26 -14.17 -28.25
CA VAL D 65 -12.79 -14.77 -27.03
C VAL D 65 -13.49 -16.09 -27.35
N LYS D 66 -13.44 -17.05 -26.43
CA LYS D 66 -14.09 -18.34 -26.62
C LYS D 66 -14.60 -18.81 -25.29
N GLY D 67 -15.91 -18.98 -25.17
CA GLY D 67 -16.49 -19.41 -23.91
C GLY D 67 -16.73 -20.89 -23.70
N ASP D 68 -16.90 -21.24 -22.43
CA ASP D 68 -17.15 -22.62 -22.04
C ASP D 68 -16.46 -23.64 -22.94
N LEU D 69 -15.18 -23.86 -22.67
CA LEU D 69 -14.39 -24.82 -23.43
C LEU D 69 -14.02 -26.01 -22.58
N THR D 70 -13.97 -27.17 -23.21
CA THR D 70 -13.60 -28.40 -22.54
C THR D 70 -12.09 -28.45 -22.49
N ALA D 71 -11.53 -29.26 -21.57
CA ALA D 71 -10.09 -29.39 -21.47
C ALA D 71 -9.56 -29.75 -22.85
N LYS D 72 -10.24 -30.68 -23.51
CA LYS D 72 -9.84 -31.10 -24.84
C LYS D 72 -9.97 -29.91 -25.79
N LYS D 73 -11.13 -29.29 -25.82
CA LYS D 73 -11.34 -28.16 -26.72
C LYS D 73 -10.39 -26.99 -26.46
N MET D 74 -10.10 -26.72 -25.18
CA MET D 74 -9.19 -25.64 -24.82
C MET D 74 -7.86 -25.90 -25.50
N VAL D 75 -7.34 -27.10 -25.28
CA VAL D 75 -6.06 -27.51 -25.85
C VAL D 75 -6.06 -27.32 -27.35
N LEU D 76 -7.14 -27.76 -28.02
CA LEU D 76 -7.23 -27.62 -29.47
C LEU D 76 -7.13 -26.15 -29.81
N ALA D 77 -7.90 -25.33 -29.09
CA ALA D 77 -7.90 -23.89 -29.34
C ALA D 77 -6.48 -23.33 -29.23
N LEU D 78 -5.75 -23.76 -28.20
CA LEU D 78 -4.39 -23.31 -27.99
C LEU D 78 -3.50 -23.73 -29.14
N LEU D 79 -3.62 -25.01 -29.55
CA LEU D 79 -2.82 -25.53 -30.66
C LEU D 79 -3.16 -24.76 -31.92
N GLU D 80 -4.45 -24.51 -32.10
CA GLU D 80 -4.92 -23.78 -33.26
C GLU D 80 -4.26 -22.42 -33.29
N LEU D 81 -3.91 -21.90 -32.13
CA LEU D 81 -3.27 -20.60 -32.08
C LEU D 81 -1.79 -20.67 -32.45
N ALA D 82 -1.14 -21.74 -32.01
CA ALA D 82 0.29 -21.90 -32.28
C ALA D 82 0.54 -22.29 -33.74
N ARG D 83 -0.47 -22.89 -34.37
CA ARG D 83 -0.34 -23.29 -35.77
C ARG D 83 -0.39 -22.05 -36.66
N GLN D 84 -0.71 -20.91 -36.07
CA GLN D 84 -0.79 -19.66 -36.81
C GLN D 84 0.59 -19.17 -37.20
N ASP D 85 0.65 -18.24 -38.14
CA ASP D 85 1.94 -17.69 -38.56
C ASP D 85 2.04 -16.30 -37.96
N HIS D 86 2.79 -16.22 -36.87
CA HIS D 86 2.98 -14.99 -36.14
C HIS D 86 4.14 -14.22 -36.74
N GLY D 87 4.65 -14.76 -37.85
CA GLY D 87 5.77 -14.16 -38.55
C GLY D 87 5.92 -12.65 -38.48
N ALA D 88 4.93 -11.93 -39.01
CA ALA D 88 4.97 -10.47 -39.00
C ALA D 88 4.40 -9.84 -37.72
N LEU D 89 4.08 -10.64 -36.71
CA LEU D 89 3.54 -10.11 -35.46
C LEU D 89 4.65 -10.05 -34.42
N ASP D 90 4.47 -9.25 -33.36
CA ASP D 90 5.52 -9.11 -32.33
C ASP D 90 5.28 -9.82 -30.99
N CYS D 91 4.03 -10.16 -30.71
CA CYS D 91 3.73 -10.79 -29.43
C CYS D 91 2.45 -11.63 -29.47
N CYS D 92 2.36 -12.60 -28.56
CA CYS D 92 1.17 -13.45 -28.47
C CYS D 92 0.66 -13.41 -27.05
N VAL D 93 -0.67 -13.46 -26.90
CA VAL D 93 -1.28 -13.40 -25.58
C VAL D 93 -2.36 -14.42 -25.38
N VAL D 94 -2.35 -15.05 -24.21
CA VAL D 94 -3.34 -16.05 -23.87
C VAL D 94 -3.90 -15.74 -22.49
N VAL D 95 -5.21 -15.73 -22.36
CA VAL D 95 -5.84 -15.46 -21.09
C VAL D 95 -6.87 -16.56 -20.82
N ILE D 96 -6.90 -17.06 -19.60
CA ILE D 96 -7.86 -18.09 -19.25
C ILE D 96 -8.54 -17.76 -17.92
N LEU D 97 -9.87 -17.77 -17.94
CA LEU D 97 -10.67 -17.48 -16.76
C LEU D 97 -11.43 -18.76 -16.44
N SER D 98 -11.17 -19.34 -15.28
CA SER D 98 -11.84 -20.57 -14.92
C SER D 98 -11.51 -20.98 -13.50
N HIS D 99 -12.02 -22.14 -13.10
CA HIS D 99 -11.73 -22.64 -11.77
C HIS D 99 -10.32 -23.15 -11.83
N GLY D 100 -9.61 -23.02 -10.71
CA GLY D 100 -8.26 -23.50 -10.65
C GLY D 100 -8.19 -24.93 -10.15
N CYS D 101 -7.14 -25.62 -10.56
CA CYS D 101 -6.92 -26.99 -10.14
C CYS D 101 -5.64 -26.94 -9.33
N GLN D 102 -5.64 -27.52 -8.15
CA GLN D 102 -4.45 -27.46 -7.32
C GLN D 102 -3.58 -28.70 -7.32
N ALA D 103 -3.46 -29.33 -8.48
CA ALA D 103 -2.62 -30.51 -8.57
C ALA D 103 -1.15 -30.08 -8.51
N SER D 104 -0.28 -30.98 -8.09
CA SER D 104 1.13 -30.66 -8.05
C SER D 104 1.66 -31.10 -9.41
N HIS D 105 2.77 -30.53 -9.85
CA HIS D 105 3.33 -30.93 -11.14
C HIS D 105 4.84 -31.09 -11.09
N LEU D 106 5.41 -31.45 -12.23
CA LEU D 106 6.84 -31.67 -12.31
C LEU D 106 7.61 -30.47 -12.81
N GLN D 107 7.16 -29.89 -13.92
CA GLN D 107 7.83 -28.73 -14.50
C GLN D 107 7.28 -27.36 -14.09
N PHE D 108 6.01 -27.09 -14.36
CA PHE D 108 5.42 -25.80 -13.98
C PHE D 108 4.17 -25.97 -13.11
N PRO D 109 3.94 -25.02 -12.19
CA PRO D 109 2.77 -25.09 -11.32
C PRO D 109 1.55 -24.50 -12.00
N GLY D 110 0.38 -24.79 -11.47
CA GLY D 110 -0.82 -24.22 -12.05
C GLY D 110 -1.55 -25.12 -13.01
N ALA D 111 -2.87 -25.01 -13.00
CA ALA D 111 -3.74 -25.80 -13.88
C ALA D 111 -5.11 -25.11 -13.84
N VAL D 112 -5.89 -25.28 -14.89
CA VAL D 112 -7.21 -24.65 -14.91
C VAL D 112 -8.25 -25.61 -15.45
N TYR D 113 -9.41 -25.61 -14.84
CA TYR D 113 -10.47 -26.53 -15.26
C TYR D 113 -11.21 -26.16 -16.54
N GLY D 114 -11.40 -27.14 -17.40
CA GLY D 114 -12.18 -26.92 -18.60
C GLY D 114 -13.60 -27.11 -18.10
N THR D 115 -14.59 -26.92 -18.95
CA THR D 115 -15.99 -27.07 -18.51
C THR D 115 -16.36 -28.51 -18.15
N ASP D 116 -15.64 -29.46 -18.73
CA ASP D 116 -15.90 -30.87 -18.46
C ASP D 116 -15.35 -31.30 -17.10
N GLY D 117 -14.63 -30.41 -16.44
CA GLY D 117 -14.08 -30.76 -15.14
C GLY D 117 -12.69 -31.37 -15.20
N CYS D 118 -12.10 -31.43 -16.39
CA CYS D 118 -10.75 -31.97 -16.54
C CYS D 118 -9.74 -30.83 -16.55
N PRO D 119 -8.60 -31.04 -15.89
CA PRO D 119 -7.58 -30.01 -15.84
C PRO D 119 -6.68 -29.93 -17.05
N VAL D 120 -6.04 -28.78 -17.20
CA VAL D 120 -5.08 -28.49 -18.27
C VAL D 120 -3.98 -27.78 -17.50
N SER D 121 -2.86 -28.45 -17.30
CA SER D 121 -1.77 -27.85 -16.56
C SER D 121 -1.19 -26.64 -17.29
N VAL D 122 -0.69 -25.69 -16.51
CA VAL D 122 -0.07 -24.51 -17.08
C VAL D 122 1.10 -24.97 -17.92
N GLU D 123 1.81 -25.99 -17.43
CA GLU D 123 2.97 -26.53 -18.15
C GLU D 123 2.67 -27.05 -19.54
N LYS D 124 1.47 -27.55 -19.76
CA LYS D 124 1.13 -28.05 -21.08
C LYS D 124 0.87 -26.86 -21.98
N ILE D 125 0.20 -25.87 -21.42
CA ILE D 125 -0.16 -24.64 -22.12
C ILE D 125 1.06 -23.89 -22.63
N VAL D 126 2.02 -23.70 -21.72
CA VAL D 126 3.25 -22.99 -22.02
C VAL D 126 3.96 -23.60 -23.22
N ASN D 127 4.22 -24.91 -23.14
CA ASN D 127 4.92 -25.65 -24.19
C ASN D 127 4.24 -25.69 -25.56
N ILE D 128 2.92 -25.57 -25.58
CA ILE D 128 2.24 -25.57 -26.85
C ILE D 128 2.77 -24.36 -27.60
N PHE D 129 3.40 -23.44 -26.87
CA PHE D 129 3.93 -22.22 -27.48
C PHE D 129 5.46 -22.08 -27.47
N ASN D 130 6.17 -23.17 -27.22
CA ASN D 130 7.63 -23.07 -27.21
C ASN D 130 8.21 -22.92 -28.61
N GLY D 131 9.55 -22.86 -28.70
CA GLY D 131 10.21 -22.69 -29.98
C GLY D 131 9.96 -23.78 -31.01
N THR D 132 10.02 -25.03 -30.60
CA THR D 132 9.81 -26.15 -31.51
C THR D 132 8.36 -26.24 -31.99
N SER D 133 7.43 -26.11 -31.07
CA SER D 133 6.04 -26.22 -31.43
C SER D 133 5.55 -24.98 -32.16
N CYS D 134 6.17 -23.84 -31.89
CA CYS D 134 5.74 -22.61 -32.54
C CYS D 134 6.90 -21.74 -32.97
N PRO D 135 7.68 -22.20 -33.96
CA PRO D 135 8.83 -21.44 -34.45
C PRO D 135 8.44 -20.03 -34.86
N SER D 136 7.21 -19.89 -35.32
CA SER D 136 6.69 -18.59 -35.75
C SER D 136 6.90 -17.50 -34.68
N LEU D 137 6.79 -17.85 -33.41
CA LEU D 137 6.97 -16.89 -32.31
C LEU D 137 8.36 -16.91 -31.67
N GLY D 138 9.30 -17.63 -32.26
CA GLY D 138 10.64 -17.68 -31.70
C GLY D 138 11.22 -16.30 -31.48
N GLY D 139 11.76 -16.05 -30.28
CA GLY D 139 12.34 -14.75 -29.99
C GLY D 139 11.34 -13.67 -29.62
N LYS D 140 10.06 -13.93 -29.84
CA LYS D 140 8.99 -12.98 -29.52
C LYS D 140 8.40 -13.34 -28.15
N PRO D 141 7.92 -12.34 -27.41
CA PRO D 141 7.34 -12.63 -26.08
C PRO D 141 5.96 -13.34 -26.04
N LYS D 142 5.92 -14.48 -25.36
CA LYS D 142 4.68 -15.24 -25.20
C LYS D 142 4.15 -14.97 -23.79
N LEU D 143 2.99 -14.32 -23.71
CA LEU D 143 2.40 -13.95 -22.44
C LEU D 143 1.15 -14.74 -22.06
N PHE D 144 1.13 -15.22 -20.82
CA PHE D 144 -0.02 -15.98 -20.34
C PHE D 144 -0.59 -15.38 -19.07
N PHE D 145 -1.88 -15.05 -19.10
CA PHE D 145 -2.56 -14.50 -17.93
C PHE D 145 -3.59 -15.48 -17.44
N ILE D 146 -3.41 -15.97 -16.22
CA ILE D 146 -4.36 -16.92 -15.66
C ILE D 146 -5.00 -16.41 -14.39
N GLN D 147 -6.33 -16.45 -14.36
CA GLN D 147 -7.12 -16.05 -13.20
C GLN D 147 -7.94 -17.27 -12.82
N ALA D 148 -7.46 -18.02 -11.84
CA ALA D 148 -8.14 -19.22 -11.35
C ALA D 148 -9.01 -18.90 -10.13
N CYS D 149 -10.28 -18.60 -10.39
CA CYS D 149 -11.25 -18.27 -9.35
C CYS D 149 -12.09 -19.46 -8.96
N GLY D 150 -11.59 -20.27 -8.03
CA GLY D 150 -12.36 -21.42 -7.59
C GLY D 150 -11.76 -22.74 -7.98
N GLY D 151 -12.56 -23.80 -7.90
CA GLY D 151 -12.08 -25.13 -8.24
C GLY D 151 -12.08 -26.05 -7.03
N SER D 195 21.68 -16.96 -34.84
CA SER D 195 22.08 -17.99 -33.83
C SER D 195 20.87 -18.68 -33.21
N SER D 196 21.10 -19.43 -32.14
CA SER D 196 20.04 -20.17 -31.47
C SER D 196 19.49 -19.48 -30.23
N LEU D 197 18.40 -20.02 -29.72
CA LEU D 197 17.75 -19.46 -28.54
C LEU D 197 17.13 -20.64 -27.82
N PRO D 198 17.10 -20.61 -26.48
CA PRO D 198 16.53 -21.70 -25.68
C PRO D 198 15.07 -21.99 -26.03
N THR D 199 14.75 -23.28 -26.13
CA THR D 199 13.39 -23.73 -26.46
C THR D 199 12.28 -23.09 -25.64
N PRO D 200 12.49 -22.91 -24.32
CA PRO D 200 11.50 -22.31 -23.43
C PRO D 200 11.67 -20.80 -23.21
N SER D 201 12.44 -20.15 -24.08
CA SER D 201 12.70 -18.73 -23.97
C SER D 201 11.49 -17.84 -24.22
N ASP D 202 11.52 -16.65 -23.62
CA ASP D 202 10.48 -15.66 -23.77
C ASP D 202 9.07 -16.11 -23.38
N ILE D 203 9.02 -16.88 -22.30
CA ILE D 203 7.77 -17.37 -21.75
C ILE D 203 7.49 -16.50 -20.52
N PHE D 204 6.29 -15.91 -20.44
CA PHE D 204 5.93 -15.12 -19.27
C PHE D 204 4.50 -15.43 -18.81
N VAL D 205 4.37 -15.88 -17.56
CA VAL D 205 3.08 -16.22 -16.98
C VAL D 205 2.71 -15.38 -15.76
N SER D 206 1.47 -14.90 -15.73
CA SER D 206 0.96 -14.15 -14.58
C SER D 206 -0.13 -15.06 -14.06
N TYR D 207 0.07 -15.61 -12.87
CA TYR D 207 -0.90 -16.54 -12.30
C TYR D 207 -1.60 -16.01 -11.05
N SER D 208 -2.91 -15.86 -11.13
CA SER D 208 -3.68 -15.33 -10.02
C SER D 208 -4.89 -16.17 -9.62
N THR D 209 -4.97 -16.48 -8.33
CA THR D 209 -6.09 -17.22 -7.77
C THR D 209 -6.49 -16.29 -6.66
N PHE D 210 -6.88 -15.09 -7.03
CA PHE D 210 -7.26 -14.15 -6.00
C PHE D 210 -8.75 -13.99 -5.99
N PRO D 211 -9.40 -14.47 -4.93
CA PRO D 211 -10.85 -14.37 -4.81
C PRO D 211 -11.08 -12.92 -4.49
N GLY D 212 -12.32 -12.47 -4.48
CA GLY D 212 -12.52 -11.07 -4.17
C GLY D 212 -13.18 -10.39 -5.33
N PHE D 213 -14.41 -9.95 -5.09
CA PHE D 213 -15.21 -9.30 -6.10
C PHE D 213 -15.12 -7.79 -6.01
N VAL D 214 -15.33 -7.12 -7.14
CA VAL D 214 -15.29 -5.68 -7.23
C VAL D 214 -16.09 -5.09 -6.07
N SER D 215 -17.23 -5.72 -5.80
CA SER D 215 -18.14 -5.33 -4.72
C SER D 215 -18.14 -6.56 -3.80
N TRP D 216 -17.43 -6.49 -2.67
CA TRP D 216 -17.30 -7.64 -1.76
C TRP D 216 -18.57 -8.41 -1.44
N ARG D 217 -19.69 -7.72 -1.32
CA ARG D 217 -20.97 -8.38 -1.02
C ARG D 217 -21.58 -9.15 -2.17
N ASP D 218 -21.16 -8.83 -3.40
CA ASP D 218 -21.72 -9.46 -4.60
C ASP D 218 -20.77 -10.27 -5.49
N PRO D 219 -21.03 -11.59 -5.64
CA PRO D 219 -20.19 -12.47 -6.45
C PRO D 219 -20.33 -12.23 -7.94
N LYS D 220 -21.21 -11.31 -8.33
CA LYS D 220 -21.42 -11.02 -9.73
C LYS D 220 -20.73 -9.72 -10.17
N SER D 221 -20.39 -8.87 -9.20
CA SER D 221 -19.74 -7.62 -9.54
C SER D 221 -18.45 -7.80 -10.37
N GLY D 222 -17.86 -8.99 -10.31
CA GLY D 222 -16.65 -9.25 -11.07
C GLY D 222 -15.42 -9.42 -10.18
N SER D 223 -14.28 -9.73 -10.80
CA SER D 223 -13.02 -9.92 -10.06
C SER D 223 -12.31 -8.62 -9.69
N TRP D 224 -12.02 -8.44 -8.41
CA TRP D 224 -11.31 -7.25 -7.95
C TRP D 224 -9.92 -7.25 -8.59
N TYR D 225 -9.43 -8.45 -8.88
CA TYR D 225 -8.13 -8.60 -9.51
C TYR D 225 -8.13 -8.01 -10.92
N VAL D 226 -8.96 -8.55 -11.80
CA VAL D 226 -9.01 -8.05 -13.17
C VAL D 226 -9.30 -6.56 -13.22
N GLU D 227 -10.16 -6.07 -12.34
CA GLU D 227 -10.48 -4.64 -12.34
C GLU D 227 -9.27 -3.83 -11.93
N THR D 228 -8.53 -4.34 -10.94
CA THR D 228 -7.35 -3.66 -10.46
C THR D 228 -6.26 -3.67 -11.53
N LEU D 229 -6.08 -4.83 -12.16
CA LEU D 229 -5.10 -4.95 -13.21
C LEU D 229 -5.51 -4.06 -14.41
N ASP D 230 -6.77 -4.17 -14.82
CA ASP D 230 -7.25 -3.38 -15.94
C ASP D 230 -7.09 -1.89 -15.66
N ASP D 231 -7.32 -1.50 -14.43
CA ASP D 231 -7.21 -0.09 -14.04
C ASP D 231 -5.77 0.39 -14.08
N ILE D 232 -4.88 -0.43 -13.55
CA ILE D 232 -3.48 -0.09 -13.53
C ILE D 232 -2.93 0.01 -14.95
N PHE D 233 -3.29 -0.95 -15.80
CA PHE D 233 -2.83 -0.92 -17.19
C PHE D 233 -3.31 0.37 -17.85
N GLU D 234 -4.60 0.65 -17.70
CA GLU D 234 -5.19 1.86 -18.27
C GLU D 234 -4.35 3.08 -17.89
N GLN D 235 -3.83 3.09 -16.67
CA GLN D 235 -3.04 4.22 -16.23
C GLN D 235 -1.53 4.22 -16.45
N TRP D 236 -0.90 3.06 -16.58
CA TRP D 236 0.54 3.06 -16.76
C TRP D 236 1.13 2.28 -17.94
N ALA D 237 0.32 1.48 -18.62
CA ALA D 237 0.85 0.71 -19.74
C ALA D 237 1.55 1.62 -20.76
N HIS D 238 1.22 2.91 -20.73
CA HIS D 238 1.81 3.86 -21.66
C HIS D 238 3.25 4.27 -21.31
N SER D 239 3.63 4.12 -20.05
CA SER D 239 4.97 4.51 -19.63
C SER D 239 5.75 3.47 -18.85
N GLU D 240 5.08 2.40 -18.43
CA GLU D 240 5.73 1.34 -17.65
C GLU D 240 5.66 -0.03 -18.33
N ASP D 241 6.68 -0.85 -18.13
CA ASP D 241 6.69 -2.19 -18.75
C ASP D 241 5.81 -3.19 -17.98
N LEU D 242 5.61 -4.36 -18.60
CA LEU D 242 4.79 -5.43 -18.03
C LEU D 242 5.10 -5.77 -16.57
N GLN D 243 6.34 -6.15 -16.30
CA GLN D 243 6.74 -6.48 -14.94
C GLN D 243 6.38 -5.36 -13.98
N SER D 244 6.65 -4.12 -14.37
CA SER D 244 6.35 -2.97 -13.52
C SER D 244 4.86 -2.85 -13.22
N LEU D 245 4.04 -3.05 -14.25
CA LEU D 245 2.60 -2.97 -14.09
C LEU D 245 2.15 -4.07 -13.13
N LEU D 246 2.64 -5.28 -13.37
CA LEU D 246 2.27 -6.41 -12.53
C LEU D 246 2.67 -6.27 -11.07
N LEU D 247 3.73 -5.51 -10.78
CA LEU D 247 4.15 -5.29 -9.40
C LEU D 247 3.12 -4.37 -8.74
N ARG D 248 2.68 -3.36 -9.48
CA ARG D 248 1.69 -2.43 -8.95
C ARG D 248 0.46 -3.25 -8.58
N VAL D 249 0.06 -4.15 -9.47
CA VAL D 249 -1.09 -5.01 -9.23
C VAL D 249 -0.84 -5.83 -7.98
N ALA D 250 0.27 -6.57 -7.99
CA ALA D 250 0.66 -7.39 -6.84
C ALA D 250 0.57 -6.58 -5.53
N ASN D 251 1.10 -5.36 -5.54
CA ASN D 251 1.08 -4.53 -4.34
C ASN D 251 -0.35 -4.20 -3.90
N ALA D 252 -1.17 -3.76 -4.84
CA ALA D 252 -2.56 -3.42 -4.56
C ALA D 252 -3.31 -4.61 -3.95
N VAL D 253 -3.06 -5.81 -4.50
CA VAL D 253 -3.72 -7.02 -4.01
C VAL D 253 -3.33 -7.30 -2.57
N SER D 254 -2.04 -7.31 -2.29
CA SER D 254 -1.55 -7.57 -0.95
C SER D 254 -2.11 -6.54 0.02
N VAL D 255 -2.09 -5.27 -0.39
CA VAL D 255 -2.61 -4.20 0.45
C VAL D 255 -4.12 -4.40 0.64
N LYS D 256 -4.69 -5.40 -0.01
CA LYS D 256 -6.10 -5.65 0.13
C LYS D 256 -6.39 -6.98 0.82
N GLY D 257 -5.34 -7.72 1.16
CA GLY D 257 -5.49 -9.00 1.82
C GLY D 257 -4.13 -9.60 2.13
N ILE D 258 -3.48 -9.11 3.18
CA ILE D 258 -2.16 -9.59 3.56
C ILE D 258 -2.05 -11.11 3.56
N TYR D 259 -2.87 -11.76 4.39
CA TYR D 259 -2.88 -13.21 4.52
C TYR D 259 -3.29 -13.92 3.24
N LYS D 260 -4.16 -13.27 2.46
CA LYS D 260 -4.65 -13.84 1.21
C LYS D 260 -3.53 -14.32 0.29
N GLN D 261 -3.91 -14.84 -0.88
CA GLN D 261 -2.96 -15.36 -1.86
C GLN D 261 -2.54 -14.34 -2.91
N MET D 262 -1.31 -13.87 -2.81
CA MET D 262 -0.76 -12.89 -3.75
C MET D 262 -0.37 -13.54 -5.08
N PRO D 263 -0.72 -12.90 -6.20
CA PRO D 263 -0.40 -13.44 -7.52
C PRO D 263 1.10 -13.59 -7.67
N GLY D 264 1.48 -14.38 -8.65
CA GLY D 264 2.89 -14.58 -8.89
C GLY D 264 3.18 -14.44 -10.37
N CYS D 265 4.46 -14.30 -10.68
CA CYS D 265 4.88 -14.18 -12.05
C CYS D 265 6.03 -15.14 -12.29
N PHE D 266 5.84 -16.03 -13.25
CA PHE D 266 6.85 -17.00 -13.63
C PHE D 266 7.47 -16.25 -14.80
N ASN D 267 8.56 -15.55 -14.52
CA ASN D 267 9.21 -14.74 -15.53
C ASN D 267 10.41 -15.35 -16.24
N PHE D 268 10.24 -15.65 -17.53
CA PHE D 268 11.32 -16.19 -18.34
C PHE D 268 11.52 -15.36 -19.61
N LEU D 269 11.43 -14.05 -19.45
CA LEU D 269 11.63 -13.12 -20.55
C LEU D 269 13.11 -12.71 -20.54
N ARG D 270 13.57 -12.11 -21.63
CA ARG D 270 14.97 -11.66 -21.74
C ARG D 270 15.02 -10.15 -21.78
N LYS D 271 13.90 -9.52 -22.10
CA LYS D 271 13.86 -8.08 -22.21
C LYS D 271 12.60 -7.54 -21.57
N LYS D 272 12.56 -6.22 -21.39
CA LYS D 272 11.38 -5.59 -20.83
C LYS D 272 10.36 -5.58 -21.95
N LEU D 273 9.09 -5.42 -21.58
CA LEU D 273 8.02 -5.39 -22.56
C LEU D 273 7.09 -4.20 -22.37
N PHE D 274 7.26 -3.20 -23.24
CA PHE D 274 6.42 -2.00 -23.22
C PHE D 274 5.34 -2.18 -24.30
N PHE D 275 4.10 -2.36 -23.86
CA PHE D 275 2.98 -2.55 -24.74
C PHE D 275 2.78 -1.37 -25.65
N LYS D 276 2.22 -1.65 -26.83
CA LYS D 276 1.91 -0.67 -27.85
C LYS D 276 0.63 0.00 -27.36
N THR D 277 0.76 1.22 -26.84
CA THR D 277 -0.40 1.98 -26.35
C THR D 277 -1.04 2.77 -27.48
N SER D 278 -2.34 2.99 -27.40
CA SER D 278 -3.10 3.74 -28.41
C SER D 278 -2.32 4.88 -29.08
C1 PHQ E 1 -5.18 31.44 33.34
O1 PHQ E 1 -5.35 32.43 34.04
O2 PHQ E 1 -5.24 30.20 33.83
C2 PHQ E 1 -5.89 29.85 35.08
C3 PHQ E 1 -7.36 29.67 34.87
C4 PHQ E 1 -7.84 29.11 33.69
C5 PHQ E 1 -9.21 28.94 33.48
C6 PHQ E 1 -10.12 29.35 34.45
C7 PHQ E 1 -9.65 29.91 35.64
C8 PHQ E 1 -8.28 30.07 35.84
N GLU E 2 -4.93 31.53 32.04
CA GLU E 2 -4.82 32.82 31.35
C GLU E 2 -5.05 32.74 29.83
N VAL E 3 -5.71 33.76 29.28
CA VAL E 3 -5.98 33.81 27.84
C VAL E 3 -4.67 33.97 27.09
N ASP E 4 -4.61 33.44 25.86
CA ASP E 4 -3.40 33.54 25.06
C ASP E 4 -3.70 34.14 23.69
C1 CF0 E 5 -4.63 35.33 23.59
C1 PHQ F 1 30.70 -27.09 -20.77
O1 PHQ F 1 31.54 -27.87 -21.23
O2 PHQ F 1 30.54 -25.86 -21.24
C2 PHQ F 1 30.87 -25.45 -22.61
C3 PHQ F 1 29.97 -26.14 -23.58
C4 PHQ F 1 28.62 -25.80 -23.66
C5 PHQ F 1 27.78 -26.43 -24.56
C6 PHQ F 1 28.27 -27.42 -25.40
C7 PHQ F 1 29.62 -27.77 -25.33
C8 PHQ F 1 30.46 -27.13 -24.42
N GLU F 2 29.89 -27.40 -19.76
CA GLU F 2 29.90 -28.72 -19.10
C GLU F 2 28.65 -28.96 -18.25
N VAL F 3 28.04 -30.14 -18.39
CA VAL F 3 26.84 -30.49 -17.64
C VAL F 3 27.08 -30.34 -16.15
N ASP F 4 26.03 -30.05 -15.39
CA ASP F 4 26.16 -29.87 -13.94
C ASP F 4 25.18 -30.76 -13.19
C1 CF0 F 5 24.92 -32.17 -13.67
#